data_7TYL
#
_entry.id   7TYL
#
_cell.length_a   1.00
_cell.length_b   1.00
_cell.length_c   1.00
_cell.angle_alpha   90.00
_cell.angle_beta   90.00
_cell.angle_gamma   90.00
#
_symmetry.space_group_name_H-M   'P 1'
#
loop_
_entity.id
_entity.type
_entity.pdbx_description
1 polymer 'Guanine nucleotide-binding protein G(s) subunit alpha isoforms short'
2 polymer 'Guanine nucleotide-binding protein G(I)/G(S)/G(T) subunit beta-1'
3 polymer 'Guanine nucleotide-binding protein G(I)/G(S)/G(O) subunit gamma-2'
4 polymer 'Nanobody 35'
5 polymer 'amylin peptide'
6 polymer 'Calcitonin receptor'
#
loop_
_entity_poly.entity_id
_entity_poly.type
_entity_poly.pdbx_seq_one_letter_code
_entity_poly.pdbx_strand_id
1 'polypeptide(L)'
;MGCLGNSKTEDQRNEEKAQREANKKIEKQLQKDKQVYRATHRLLLLGAGESGKNTIVKQMRILHVNGFNGEGGEEDPQAA
RSNSDGEKATKVQDIKNNLKEAIETIVAAMSNLVPPVELANPENQFRVDYILSVMNVPDFDFPPEFYEHAKALWEDEGVR
ACYERSNEYQLIDCAQYFLDKIDVIKQADYVPSDQDLLRCRVLTSGIFETKFQVDKVNFHMFDVGAQRDERRKWIQCFND
VTAIIFVVASSSYNMVIREDNQTNRLQAALKLFDSIWNNKWLRDTSVILFLNKQDLLAEKVLAGKSKIEDYFPEFARYTT
PEDATPEPGEDPRVTRAKYFIRDEFLRISTASGDGRHYCYPHFTCSVDTENIRRVFNDCRDIIQRMHLRQYELL
;
A
2 'polypeptide(L)'
;MHHHHHHGSSGSELDQLRQEAEQLKNQIRDARKACADATLSQITNNIDPVGRIQMRTRRTLRGHLAKIYAMHWGTDSRLL
VSASQDGKLIIWDSYTTNKVHAIPLRSSWVMTCAYAPSGNYVACGGLDNICSIYNLKTREGNVRVSRELAGHTGYLSCCR
FLDDNQIVTSSGDTTCALWDIETGQQTTTFTGHTGDVMSLSLAPDTRLFVSGACDASAKLWDVREGMCRQTFTGHESDIN
AICFFPNGNAFATGSDDATCRLFDLRADQELMTYSHDNIICGITSVSFSKSGRLLLAGYDDFNCNVWDALKADRAGVLAG
HDNRVSCLGVTDDGMAVATGSWDSFLKIWN
;
B
3 'polypeptide(L)' MASNNTASIAQARKLVEQLKMEANIDRIKVSKAAADLMAYCEAHAKEDPLLTPVPASENPFREKKFFCAIL G
4 'polypeptide(L)'
;QVQLQESGGGLVQPGGSLRLSCAASGFTFSNYKMNWVRQAPGKGLEWVSDISQSGASISYTGSVKGRFTISRDNAKNTLY
LQMNSLKPEDTAVYYCARCPAPFTRDCFDVTSTTYAYRGQGTQVTVSSHHHHHHEPEA
;
N
5 'polypeptide(L)' KCNTATCATQRLANFLVRSSNNLGPVLPPTNVGSNTY(NH2) P
6 'polypeptide(L)'
;MKTIIALSYIFCLVFADYKDDDDLEVLFQGPAAFSNQTYPTIEPKPFLYVVGRKKMMDAQYKCYDRMQQLPAYQGEGPYC
NRTWDGWLCWDDTPAGVLSYQFCPDYFPDFDPSEKVTKYCDEKGVWFKHPENNRTWSNYTMCNAFTPEKLKNAYVLYYLA
IVGHSLSIFTLVISLGIFVFFRSLGCQRVTLHKNMFLTYILNSMIIIIHLVEVVPNGELVRRDPVSCKILHFFHQYMMAC
NYFWMLCEGIYLHTLIVVAVFTEKQRLRWYYLLGWGFPLVPTTIHAITRAVYFNDNCWLSVETHLLYIIHGPVMAALVVN
FFFLLNIVRVLVTKMRETHEAESHMYLKAVKATMILVPLLGIQFVVFPWRPSNKMLGKIYDYVMHSLIHFQGFFVATIYC
FCNNEVQTTVKRQWAQFKIQWNQRWGRRPSNRSARAAAAAAEAGDIPIYICHQELRNEPANNQGEESAEIIPLNIIEQES
SAPAGLEVLFQGPHHHHHHHH
;
R
#
# COMPACT_ATOMS: atom_id res chain seq x y z
N ASP A 11 41.56 18.30 -8.35
CA ASP A 11 41.56 18.52 -6.91
C ASP A 11 40.16 18.37 -6.32
N GLN A 12 39.15 18.83 -7.05
CA GLN A 12 37.77 18.74 -6.60
C GLN A 12 37.09 17.45 -7.03
N ARG A 13 37.64 16.75 -8.03
CA ARG A 13 37.03 15.50 -8.47
C ARG A 13 37.33 14.35 -7.51
N ASN A 14 38.46 14.42 -6.80
CA ASN A 14 38.80 13.36 -5.86
C ASN A 14 37.79 13.27 -4.72
N GLU A 15 37.27 14.42 -4.28
CA GLU A 15 36.20 14.42 -3.30
C GLU A 15 34.93 13.79 -3.87
N GLU A 16 34.69 14.00 -5.16
CA GLU A 16 33.51 13.41 -5.80
C GLU A 16 33.63 11.89 -5.88
N LYS A 17 34.75 11.39 -6.37
CA LYS A 17 34.93 9.94 -6.46
C LYS A 17 34.97 9.31 -5.07
N ALA A 18 35.44 10.06 -4.07
CA ALA A 18 35.41 9.55 -2.70
C ALA A 18 33.98 9.41 -2.20
N GLN A 19 33.13 10.39 -2.48
CA GLN A 19 31.73 10.30 -2.06
C GLN A 19 30.97 9.26 -2.88
N ARG A 20 31.33 9.10 -4.16
CA ARG A 20 30.71 8.07 -4.97
C ARG A 20 31.06 6.68 -4.47
N GLU A 21 32.35 6.45 -4.17
CA GLU A 21 32.75 5.18 -3.60
C GLU A 21 32.11 4.96 -2.23
N ALA A 22 31.98 6.04 -1.44
CA ALA A 22 31.30 5.93 -0.16
C ALA A 22 29.82 5.63 -0.36
N ASN A 23 29.23 6.12 -1.44
CA ASN A 23 27.82 5.88 -1.70
C ASN A 23 27.56 4.42 -2.06
N LYS A 24 28.37 3.86 -2.96
CA LYS A 24 28.15 2.49 -3.41
C LYS A 24 28.32 1.49 -2.28
N LYS A 25 29.35 1.69 -1.44
CA LYS A 25 29.54 0.78 -0.31
C LYS A 25 28.42 0.92 0.71
N ILE A 26 27.70 2.05 0.71
CA ILE A 26 26.55 2.21 1.59
C ILE A 26 25.33 1.52 1.00
N GLU A 27 25.09 1.69 -0.30
CA GLU A 27 23.95 1.02 -0.93
C GLU A 27 24.13 -0.50 -0.94
N LYS A 28 25.37 -0.97 -0.98
CA LYS A 28 25.62 -2.41 -0.94
C LYS A 28 25.14 -3.01 0.37
N GLN A 29 25.45 -2.34 1.48
CA GLN A 29 24.97 -2.82 2.78
C GLN A 29 23.46 -2.59 2.94
N LEU A 30 22.92 -1.57 2.29
CA LEU A 30 21.48 -1.34 2.34
C LEU A 30 20.72 -2.47 1.65
N GLN A 31 21.22 -2.90 0.49
CA GLN A 31 20.60 -4.04 -0.19
C GLN A 31 20.84 -5.33 0.56
N LYS A 32 21.96 -5.42 1.30
CA LYS A 32 22.22 -6.60 2.11
C LYS A 32 21.21 -6.72 3.24
N ASP A 33 20.94 -5.62 3.94
CA ASP A 33 19.94 -5.64 5.00
C ASP A 33 18.52 -5.62 4.45
N LYS A 34 18.31 -5.19 3.21
CA LYS A 34 16.99 -5.23 2.61
C LYS A 34 16.55 -6.66 2.34
N GLN A 35 17.50 -7.54 2.03
CA GLN A 35 17.18 -8.94 1.76
C GLN A 35 16.68 -9.66 3.00
N VAL A 36 17.05 -9.20 4.19
CA VAL A 36 16.62 -9.84 5.43
C VAL A 36 15.45 -9.07 6.01
N TYR A 37 15.34 -7.78 5.67
CA TYR A 37 14.20 -6.99 6.12
C TYR A 37 12.93 -7.37 5.37
N ARG A 38 13.05 -7.64 4.07
CA ARG A 38 11.90 -8.05 3.28
C ARG A 38 11.50 -9.49 3.55
N ALA A 39 12.39 -10.29 4.11
CA ALA A 39 12.12 -11.69 4.42
C ALA A 39 11.82 -11.93 5.89
N THR A 40 11.68 -10.87 6.69
CA THR A 40 11.36 -10.97 8.10
C THR A 40 9.96 -10.44 8.33
N HIS A 41 9.10 -11.26 8.94
CA HIS A 41 7.71 -10.91 9.21
C HIS A 41 7.63 -10.44 10.65
N ARG A 42 7.74 -9.14 10.85
CA ARG A 42 7.70 -8.56 12.19
C ARG A 42 6.30 -8.69 12.78
N LEU A 43 6.25 -8.99 14.07
CA LEU A 43 5.00 -9.16 14.79
C LEU A 43 4.99 -8.28 16.02
N LEU A 44 3.82 -7.73 16.35
CA LEU A 44 3.64 -6.88 17.53
C LEU A 44 2.87 -7.68 18.57
N LEU A 45 3.58 -8.14 19.61
CA LEU A 45 2.95 -8.89 20.69
C LEU A 45 2.36 -7.89 21.68
N LEU A 46 1.04 -7.82 21.73
CA LEU A 46 0.34 -6.87 22.58
C LEU A 46 -0.61 -7.61 23.51
N GLY A 47 -0.66 -7.14 24.76
CA GLY A 47 -1.53 -7.76 25.75
C GLY A 47 -1.89 -6.77 26.83
N ALA A 48 -2.73 -7.23 27.75
CA ALA A 48 -3.20 -6.42 28.86
C ALA A 48 -2.44 -6.80 30.14
N GLY A 49 -2.82 -6.16 31.24
CA GLY A 49 -2.20 -6.46 32.52
C GLY A 49 -2.59 -7.84 33.00
N GLU A 50 -1.60 -8.67 33.31
CA GLU A 50 -1.80 -10.05 33.74
C GLU A 50 -2.65 -10.81 32.71
N SER A 51 -2.25 -10.71 31.45
CA SER A 51 -2.94 -11.37 30.35
C SER A 51 -2.35 -12.74 30.02
N GLY A 52 -1.29 -13.15 30.71
CA GLY A 52 -0.66 -14.41 30.41
C GLY A 52 0.20 -14.41 29.17
N LYS A 53 0.58 -13.23 28.66
CA LYS A 53 1.39 -13.15 27.46
C LYS A 53 2.82 -13.60 27.67
N ASN A 54 3.26 -13.73 28.93
CA ASN A 54 4.63 -14.18 29.19
C ASN A 54 4.83 -15.62 28.76
N THR A 55 3.79 -16.45 28.84
CA THR A 55 3.92 -17.85 28.42
C THR A 55 4.21 -17.95 26.94
N ILE A 56 3.62 -17.07 26.12
CA ILE A 56 3.88 -17.07 24.69
C ILE A 56 5.33 -16.70 24.43
N VAL A 57 5.90 -15.80 25.23
CA VAL A 57 7.30 -15.42 25.06
C VAL A 57 8.21 -16.60 25.39
N LYS A 58 7.91 -17.32 26.47
CA LYS A 58 8.74 -18.45 26.86
C LYS A 58 8.59 -19.66 25.95
N GLN A 59 7.70 -19.59 24.95
CA GLN A 59 7.50 -20.70 24.03
C GLN A 59 8.56 -20.77 22.93
N MET A 60 9.32 -19.71 22.71
CA MET A 60 10.33 -19.64 21.65
C MET A 60 9.72 -19.92 20.28
N THR A 204 14.73 -0.25 33.07
CA THR A 204 15.12 -1.33 32.19
C THR A 204 14.82 -0.98 30.72
N SER A 205 14.93 -1.97 29.85
CA SER A 205 14.67 -1.75 28.43
C SER A 205 13.19 -1.48 28.19
N GLY A 206 12.90 -0.54 27.30
CA GLY A 206 11.54 -0.19 26.97
C GLY A 206 10.85 -1.08 25.97
N ILE A 207 11.57 -2.04 25.39
CA ILE A 207 11.00 -2.97 24.42
C ILE A 207 11.84 -4.23 24.41
N PHE A 208 11.21 -5.35 24.07
CA PHE A 208 11.86 -6.64 24.04
C PHE A 208 11.76 -7.26 22.65
N GLU A 209 12.73 -8.11 22.32
CA GLU A 209 12.78 -8.79 21.03
C GLU A 209 13.03 -10.27 21.24
N THR A 210 12.50 -11.07 20.32
CA THR A 210 12.69 -12.52 20.36
C THR A 210 12.64 -13.04 18.92
N LYS A 211 13.82 -13.38 18.39
CA LYS A 211 13.95 -13.84 17.01
C LYS A 211 13.87 -15.37 17.00
N PHE A 212 12.81 -15.90 16.41
CA PHE A 212 12.61 -17.34 16.27
C PHE A 212 12.20 -17.66 14.84
N GLN A 213 12.74 -18.75 14.31
CA GLN A 213 12.49 -19.18 12.94
C GLN A 213 11.61 -20.43 12.93
N VAL A 214 10.67 -20.47 12.00
CA VAL A 214 9.74 -21.59 11.85
C VAL A 214 9.79 -22.02 10.39
N ASP A 215 10.50 -23.12 10.12
CA ASP A 215 10.62 -23.69 8.77
C ASP A 215 11.19 -22.66 7.79
N LYS A 216 12.41 -22.21 8.08
CA LYS A 216 13.12 -21.24 7.26
C LYS A 216 12.29 -19.97 7.03
N VAL A 217 11.48 -19.60 8.01
CA VAL A 217 10.70 -18.37 7.97
C VAL A 217 10.99 -17.58 9.24
N ASN A 218 11.35 -16.31 9.06
CA ASN A 218 11.75 -15.46 10.17
C ASN A 218 10.55 -14.71 10.74
N PHE A 219 10.35 -14.82 12.05
CA PHE A 219 9.29 -14.11 12.77
C PHE A 219 9.92 -13.29 13.88
N HIS A 220 9.58 -12.00 13.94
CA HIS A 220 10.14 -11.08 14.91
C HIS A 220 9.02 -10.51 15.76
N MET A 221 8.94 -10.95 17.02
CA MET A 221 7.93 -10.48 17.95
C MET A 221 8.51 -9.38 18.82
N PHE A 222 7.73 -8.32 19.04
CA PHE A 222 8.13 -7.20 19.87
C PHE A 222 7.18 -7.08 21.05
N ASP A 223 7.72 -7.15 22.26
CA ASP A 223 6.93 -7.06 23.48
C ASP A 223 7.06 -5.67 24.07
N VAL A 224 5.91 -5.07 24.41
CA VAL A 224 5.88 -3.72 24.96
C VAL A 224 6.01 -3.83 26.47
N GLY A 225 7.19 -3.53 26.98
CA GLY A 225 7.44 -3.57 28.41
C GLY A 225 8.12 -2.33 28.93
N ALA A 226 7.50 -1.68 29.92
CA ALA A 226 8.02 -0.45 30.48
C ALA A 226 7.43 0.82 29.91
N GLN A 227 6.50 0.71 28.96
CA GLN A 227 5.86 1.87 28.38
C GLN A 227 4.57 2.19 29.14
N ARG A 228 4.22 3.48 29.16
CA ARG A 228 3.01 3.91 29.85
C ARG A 228 1.78 3.53 29.03
N ASP A 229 0.61 3.75 29.63
CA ASP A 229 -0.65 3.41 28.98
C ASP A 229 -0.96 4.28 27.77
N GLU A 230 -0.24 5.38 27.59
CA GLU A 230 -0.44 6.24 26.41
C GLU A 230 0.05 5.52 25.18
N ARG A 231 -0.87 5.16 24.28
CA ARG A 231 -0.54 4.39 23.09
C ARG A 231 -0.78 5.12 21.78
N ARG A 232 -1.42 6.30 21.81
CA ARG A 232 -1.77 6.98 20.57
C ARG A 232 -0.58 7.47 19.78
N LYS A 233 0.62 7.49 20.37
CA LYS A 233 1.79 8.02 19.69
C LYS A 233 2.75 6.95 19.21
N TRP A 234 3.02 5.93 20.02
CA TRP A 234 3.97 4.89 19.64
C TRP A 234 3.32 3.71 18.93
N ILE A 235 1.99 3.68 18.83
CA ILE A 235 1.34 2.63 18.05
C ILE A 235 1.40 2.94 16.55
N GLN A 236 1.73 4.18 16.18
CA GLN A 236 1.88 4.53 14.77
C GLN A 236 3.12 3.92 14.16
N CYS A 237 4.12 3.56 14.98
CA CYS A 237 5.33 2.95 14.45
C CYS A 237 5.09 1.53 13.94
N PHE A 238 3.98 0.90 14.35
CA PHE A 238 3.69 -0.48 13.99
C PHE A 238 2.68 -0.59 12.85
N ASN A 239 2.72 0.35 11.91
CA ASN A 239 1.86 0.27 10.73
C ASN A 239 2.52 -0.47 9.57
N ASP A 240 3.68 -1.08 9.80
CA ASP A 240 4.37 -1.86 8.77
C ASP A 240 4.60 -3.30 9.18
N VAL A 241 4.15 -3.71 10.37
CA VAL A 241 4.36 -5.09 10.81
C VAL A 241 3.40 -6.00 10.08
N THR A 242 3.72 -7.30 10.10
CA THR A 242 2.87 -8.28 9.42
C THR A 242 1.55 -8.47 10.16
N ALA A 243 1.60 -8.59 11.48
CA ALA A 243 0.39 -8.78 12.28
C ALA A 243 0.65 -8.31 13.70
N ILE A 244 -0.43 -7.96 14.39
CA ILE A 244 -0.38 -7.55 15.79
C ILE A 244 -1.00 -8.66 16.62
N ILE A 245 -0.15 -9.42 17.31
CA ILE A 245 -0.64 -10.51 18.15
C ILE A 245 -1.30 -9.93 19.39
N PHE A 246 -2.58 -10.26 19.58
CA PHE A 246 -3.38 -9.73 20.68
C PHE A 246 -3.52 -10.79 21.76
N VAL A 247 -3.25 -10.41 23.01
CA VAL A 247 -3.34 -11.30 24.15
C VAL A 247 -4.38 -10.75 25.12
N VAL A 248 -5.33 -11.60 25.50
CA VAL A 248 -6.37 -11.21 26.45
C VAL A 248 -6.33 -12.18 27.63
N ALA A 249 -6.85 -11.71 28.77
CA ALA A 249 -6.90 -12.52 29.98
C ALA A 249 -8.29 -13.13 30.13
N SER A 250 -8.53 -14.18 29.33
CA SER A 250 -9.80 -14.88 29.34
C SER A 250 -9.75 -16.09 30.28
N ASN A 264 -13.68 -5.21 35.11
CA ASN A 264 -13.84 -5.79 33.78
C ASN A 264 -12.54 -5.71 33.00
N ARG A 265 -11.79 -6.81 32.99
CA ARG A 265 -10.53 -6.89 32.27
C ARG A 265 -10.70 -7.37 30.83
N LEU A 266 -11.93 -7.68 30.41
CA LEU A 266 -12.21 -8.13 29.05
C LEU A 266 -12.74 -7.03 28.16
N GLN A 267 -13.54 -6.10 28.72
CA GLN A 267 -14.05 -4.99 27.92
C GLN A 267 -12.93 -4.05 27.49
N ALA A 268 -11.95 -3.84 28.37
CA ALA A 268 -10.83 -2.98 28.02
C ALA A 268 -10.02 -3.57 26.88
N ALA A 269 -9.91 -4.89 26.82
CA ALA A 269 -9.25 -5.54 25.70
C ALA A 269 -10.03 -5.33 24.41
N LEU A 270 -11.36 -5.34 24.49
CA LEU A 270 -12.19 -5.10 23.31
C LEU A 270 -12.06 -3.66 22.84
N LYS A 271 -11.98 -2.72 23.78
CA LYS A 271 -11.80 -1.26 23.47
C LYS A 271 -10.39 -0.97 22.94
N LEU A 272 -9.38 -1.70 23.40
CA LEU A 272 -8.03 -1.57 22.87
C LEU A 272 -7.93 -2.20 21.48
N PHE A 273 -8.64 -3.32 21.27
CA PHE A 273 -8.66 -3.93 19.95
C PHE A 273 -9.40 -3.06 18.95
N ASP A 274 -10.43 -2.35 19.43
CA ASP A 274 -11.26 -1.52 18.54
C ASP A 274 -10.43 -0.32 18.13
N SER A 275 -9.66 0.26 19.04
CA SER A 275 -8.86 1.44 18.73
C SER A 275 -7.74 1.11 17.75
N ILE A 276 -7.08 -0.04 17.94
CA ILE A 276 -6.03 -0.45 17.01
C ILE A 276 -6.62 -0.78 15.64
N TRP A 277 -7.80 -1.39 15.62
CA TRP A 277 -8.42 -1.77 14.36
C TRP A 277 -8.83 -0.53 13.56
N ASN A 278 -9.37 0.48 14.23
CA ASN A 278 -9.91 1.66 13.56
C ASN A 278 -8.91 2.81 13.47
N ASN A 279 -7.63 2.55 13.80
CA ASN A 279 -6.63 3.60 13.69
C ASN A 279 -6.39 3.97 12.23
N LYS A 280 -5.99 5.20 11.94
CA LYS A 280 -5.81 5.63 10.52
C LYS A 280 -4.52 5.08 9.92
N TRP A 281 -3.49 4.88 10.72
CA TRP A 281 -2.20 4.34 10.22
C TRP A 281 -2.18 2.84 10.40
N LEU A 282 -2.78 2.34 11.49
CA LEU A 282 -2.81 0.89 11.82
C LEU A 282 -3.91 0.19 11.03
N ARG A 283 -4.49 0.84 10.03
CA ARG A 283 -5.40 0.15 9.09
C ARG A 283 -4.44 -0.60 8.18
N ASP A 284 -4.91 -1.53 7.38
CA ASP A 284 -3.97 -2.32 6.56
C ASP A 284 -3.10 -3.28 7.40
N THR A 285 -3.18 -3.33 8.75
CA THR A 285 -2.42 -4.34 9.55
C THR A 285 -3.40 -5.34 10.17
N SER A 286 -3.09 -6.64 10.15
CA SER A 286 -4.04 -7.69 10.62
C SER A 286 -3.81 -8.00 12.06
N VAL A 287 -4.69 -8.80 12.67
CA VAL A 287 -4.59 -9.04 14.14
C VAL A 287 -4.72 -10.51 14.45
N ILE A 288 -3.76 -11.02 15.20
CA ILE A 288 -3.83 -12.42 15.61
C ILE A 288 -4.28 -12.44 17.06
N LEU A 289 -5.44 -13.03 17.33
CA LEU A 289 -6.06 -13.01 18.64
C LEU A 289 -5.81 -14.34 19.35
N PHE A 290 -5.33 -14.27 20.58
CA PHE A 290 -5.11 -15.44 21.42
C PHE A 290 -5.93 -15.30 22.70
N LEU A 291 -6.81 -16.27 22.95
CA LEU A 291 -7.66 -16.26 24.14
C LEU A 291 -6.97 -17.13 25.19
N ASN A 292 -6.01 -16.55 25.89
CA ASN A 292 -5.27 -17.27 26.92
C ASN A 292 -6.13 -17.49 28.15
N LYS A 293 -5.58 -18.23 29.11
CA LYS A 293 -6.28 -18.61 30.33
C LYS A 293 -7.58 -19.34 30.02
N GLN A 294 -7.51 -20.26 29.05
CA GLN A 294 -8.70 -20.99 28.65
C GLN A 294 -9.15 -21.96 29.74
N ASP A 295 -8.19 -22.63 30.39
CA ASP A 295 -8.54 -23.60 31.43
C ASP A 295 -9.00 -22.91 32.70
N LEU A 296 -8.37 -21.79 33.07
CA LEU A 296 -8.78 -21.07 34.27
C LEU A 296 -10.20 -20.54 34.12
N LEU A 297 -10.54 -20.02 32.94
CA LEU A 297 -11.89 -19.54 32.70
C LEU A 297 -12.89 -20.69 32.69
N ALA A 298 -12.45 -21.88 32.24
CA ALA A 298 -13.36 -23.02 32.16
C ALA A 298 -13.77 -23.52 33.54
N GLU A 299 -12.83 -23.52 34.48
CA GLU A 299 -13.13 -24.03 35.83
C GLU A 299 -14.04 -23.07 36.59
N LYS A 300 -13.83 -21.76 36.42
CA LYS A 300 -14.62 -20.79 37.19
C LYS A 300 -16.06 -20.70 36.70
N VAL A 301 -16.30 -20.97 35.41
CA VAL A 301 -17.67 -20.97 34.94
C VAL A 301 -18.35 -22.31 35.24
N LEU A 302 -17.56 -23.37 35.43
CA LEU A 302 -18.14 -24.66 35.80
C LEU A 302 -18.72 -24.62 37.20
N ALA A 303 -17.97 -24.08 38.16
CA ALA A 303 -18.47 -23.97 39.53
C ALA A 303 -19.58 -22.93 39.63
N GLY A 304 -19.57 -21.92 38.78
CA GLY A 304 -20.61 -20.91 38.79
C GLY A 304 -20.49 -19.87 39.88
N LYS A 305 -19.31 -19.72 40.49
CA LYS A 305 -19.16 -18.72 41.54
C LYS A 305 -19.13 -17.31 40.96
N SER A 306 -18.44 -17.13 39.83
CA SER A 306 -18.35 -15.82 39.17
C SER A 306 -18.51 -16.05 37.67
N LYS A 307 -19.75 -15.99 37.19
CA LYS A 307 -20.04 -16.14 35.78
C LYS A 307 -19.99 -14.79 35.07
N ILE A 308 -19.86 -14.85 33.74
CA ILE A 308 -19.62 -13.64 32.95
C ILE A 308 -20.89 -12.92 32.54
N GLU A 309 -22.07 -13.33 33.03
CA GLU A 309 -23.29 -12.62 32.66
C GLU A 309 -23.35 -11.24 33.32
N ASP A 310 -22.67 -11.06 34.46
CA ASP A 310 -22.62 -9.74 35.09
C ASP A 310 -21.88 -8.75 34.19
N TYR A 311 -20.86 -9.22 33.46
CA TYR A 311 -20.13 -8.35 32.56
C TYR A 311 -20.73 -8.34 31.15
N PHE A 312 -21.64 -9.28 30.86
CA PHE A 312 -22.30 -9.35 29.57
C PHE A 312 -23.74 -9.82 29.78
N PRO A 313 -24.71 -8.90 29.79
CA PRO A 313 -26.10 -9.33 30.00
C PRO A 313 -26.66 -10.16 28.85
N GLU A 314 -26.13 -9.98 27.64
CA GLU A 314 -26.58 -10.72 26.47
C GLU A 314 -26.04 -12.14 26.42
N PHE A 315 -25.23 -12.53 27.42
CA PHE A 315 -24.65 -13.87 27.43
C PHE A 315 -25.73 -14.95 27.51
N ALA A 316 -26.83 -14.65 28.21
CA ALA A 316 -27.90 -15.64 28.33
C ALA A 316 -28.59 -15.87 27.00
N ARG A 317 -28.79 -14.80 26.21
CA ARG A 317 -29.44 -14.91 24.91
C ARG A 317 -28.53 -15.51 23.84
N TYR A 318 -27.23 -15.64 24.10
CA TYR A 318 -26.33 -16.23 23.13
C TYR A 318 -26.53 -17.74 23.08
N THR A 319 -26.15 -18.34 21.95
CA THR A 319 -26.29 -19.76 21.73
C THR A 319 -25.02 -20.32 21.11
N THR A 320 -24.88 -21.63 21.17
CA THR A 320 -23.70 -22.29 20.62
C THR A 320 -23.73 -22.23 19.09
N PRO A 321 -22.67 -21.76 18.44
CA PRO A 321 -22.67 -21.69 16.98
C PRO A 321 -22.73 -23.08 16.37
N GLU A 322 -23.21 -23.13 15.12
CA GLU A 322 -23.35 -24.41 14.43
C GLU A 322 -21.99 -25.00 14.07
N ASP A 323 -20.96 -24.17 13.92
CA ASP A 323 -19.63 -24.62 13.57
C ASP A 323 -18.75 -24.87 14.79
N ALA A 324 -19.35 -25.18 15.94
CA ALA A 324 -18.57 -25.43 17.14
C ALA A 324 -17.86 -26.77 17.05
N THR A 325 -16.60 -26.79 17.50
CA THR A 325 -15.77 -28.00 17.52
C THR A 325 -15.28 -28.20 18.95
N PRO A 326 -16.14 -28.70 19.89
CA PRO A 326 -15.70 -28.83 21.28
C PRO A 326 -14.73 -30.01 21.40
N GLU A 327 -13.60 -29.79 22.06
CA GLU A 327 -12.68 -30.94 22.30
C GLU A 327 -13.48 -31.92 23.17
N PRO A 328 -13.42 -33.25 22.92
CA PRO A 328 -14.26 -34.18 23.67
C PRO A 328 -13.95 -34.10 25.18
N GLY A 329 -14.99 -34.10 26.00
CA GLY A 329 -14.80 -34.01 27.47
C GLY A 329 -14.77 -32.56 27.95
N GLU A 330 -14.79 -31.60 27.03
CA GLU A 330 -14.86 -30.19 27.45
C GLU A 330 -16.28 -29.89 27.94
N ASP A 331 -16.43 -28.99 28.91
CA ASP A 331 -17.76 -28.73 29.52
C ASP A 331 -18.73 -28.16 28.47
N PRO A 332 -20.00 -28.61 28.46
CA PRO A 332 -20.98 -28.01 27.56
C PRO A 332 -20.91 -26.50 27.76
N ARG A 333 -20.43 -26.04 28.92
CA ARG A 333 -20.42 -24.61 29.13
C ARG A 333 -19.18 -23.91 28.55
N VAL A 334 -18.05 -24.61 28.47
CA VAL A 334 -16.84 -23.96 27.98
C VAL A 334 -16.97 -23.61 26.51
N THR A 335 -17.68 -24.43 25.73
CA THR A 335 -17.89 -24.13 24.33
C THR A 335 -18.70 -22.86 24.14
N ARG A 336 -19.69 -22.65 25.02
CA ARG A 336 -20.45 -21.40 25.00
C ARG A 336 -19.54 -20.21 25.33
N ALA A 337 -18.62 -20.40 26.27
CA ALA A 337 -17.77 -19.29 26.72
C ALA A 337 -16.72 -18.95 25.68
N LYS A 338 -16.02 -19.96 25.15
CA LYS A 338 -14.93 -19.69 24.23
C LYS A 338 -15.43 -19.09 22.91
N TYR A 339 -16.63 -19.49 22.48
CA TYR A 339 -17.17 -18.95 21.24
C TYR A 339 -17.81 -17.58 21.44
N PHE A 340 -18.30 -17.31 22.65
CA PHE A 340 -18.84 -15.97 22.93
C PHE A 340 -17.74 -14.92 22.90
N ILE A 341 -16.60 -15.21 23.55
CA ILE A 341 -15.48 -14.29 23.51
C ILE A 341 -14.90 -14.21 22.10
N ARG A 342 -14.92 -15.32 21.37
CA ARG A 342 -14.44 -15.32 20.00
C ARG A 342 -15.30 -14.43 19.11
N ASP A 343 -16.63 -14.51 19.25
CA ASP A 343 -17.52 -13.71 18.43
C ASP A 343 -17.56 -12.26 18.87
N GLU A 344 -17.12 -11.95 20.09
CA GLU A 344 -17.08 -10.56 20.54
C GLU A 344 -16.09 -9.75 19.72
N PHE A 345 -14.90 -10.32 19.46
CA PHE A 345 -13.91 -9.64 18.64
C PHE A 345 -14.28 -9.69 17.16
N LEU A 346 -15.00 -10.72 16.72
CA LEU A 346 -15.41 -10.80 15.33
C LEU A 346 -16.40 -9.70 14.97
N ARG A 347 -17.26 -9.32 15.93
CA ARG A 347 -18.20 -8.24 15.69
C ARG A 347 -17.49 -6.91 15.45
N ILE A 348 -16.30 -6.73 16.01
CA ILE A 348 -15.56 -5.50 15.82
C ILE A 348 -14.77 -5.53 14.51
N SER A 349 -14.16 -6.68 14.20
CA SER A 349 -13.35 -6.80 13.00
C SER A 349 -14.21 -6.72 11.74
N THR A 350 -15.37 -7.37 11.74
CA THR A 350 -16.25 -7.41 10.59
C THR A 350 -16.94 -6.08 10.32
N ALA A 351 -17.02 -5.20 11.32
CA ALA A 351 -17.70 -3.92 11.15
C ALA A 351 -16.90 -2.98 10.27
N SER A 352 -15.67 -2.69 10.66
CA SER A 352 -14.81 -1.77 9.91
C SER A 352 -14.01 -2.47 8.82
N GLY A 353 -14.18 -3.78 8.64
CA GLY A 353 -13.45 -4.51 7.63
C GLY A 353 -13.92 -4.21 6.22
N ASP A 354 -13.08 -3.53 5.44
CA ASP A 354 -13.39 -3.18 4.06
C ASP A 354 -12.66 -4.05 3.06
N GLY A 355 -11.88 -5.02 3.53
CA GLY A 355 -11.13 -5.88 2.63
C GLY A 355 -9.66 -5.54 2.57
N ARG A 356 -9.10 -5.09 3.70
CA ARG A 356 -7.70 -4.74 3.79
C ARG A 356 -6.95 -5.43 4.93
N HIS A 357 -7.64 -5.87 5.98
CA HIS A 357 -7.00 -6.55 7.09
C HIS A 357 -8.06 -7.37 7.82
N TYR A 358 -7.68 -8.56 8.27
CA TYR A 358 -8.60 -9.49 8.92
C TYR A 358 -8.02 -9.91 10.26
N CYS A 359 -8.82 -10.65 11.02
CA CYS A 359 -8.42 -11.17 12.33
C CYS A 359 -8.61 -12.68 12.34
N TYR A 360 -7.78 -13.34 13.15
CA TYR A 360 -7.79 -14.80 13.27
C TYR A 360 -7.81 -15.18 14.75
N PRO A 361 -8.99 -15.24 15.36
CA PRO A 361 -9.06 -15.66 16.76
C PRO A 361 -8.64 -17.10 16.93
N HIS A 362 -8.02 -17.39 18.08
CA HIS A 362 -7.54 -18.73 18.39
C HIS A 362 -7.94 -19.09 19.82
N PHE A 363 -7.69 -20.34 20.18
CA PHE A 363 -8.02 -20.88 21.49
C PHE A 363 -6.72 -21.41 22.11
N THR A 364 -6.06 -20.54 22.89
CA THR A 364 -4.77 -20.85 23.47
C THR A 364 -4.93 -21.23 24.94
N CYS A 365 -4.37 -22.36 25.32
CA CYS A 365 -4.38 -22.82 26.71
C CYS A 365 -3.05 -22.48 27.37
N SER A 366 -2.95 -22.82 28.66
CA SER A 366 -1.73 -22.59 29.41
C SER A 366 -0.67 -23.65 29.19
N VAL A 367 -1.01 -24.75 28.51
CA VAL A 367 -0.07 -25.83 28.25
C VAL A 367 0.16 -26.07 26.77
N ASP A 368 -0.75 -25.67 25.90
CA ASP A 368 -0.61 -25.92 24.46
C ASP A 368 0.61 -25.20 23.91
N THR A 369 1.44 -25.94 23.17
CA THR A 369 2.64 -25.41 22.56
C THR A 369 2.51 -25.23 21.06
N GLU A 370 1.31 -25.44 20.51
CA GLU A 370 1.06 -25.28 19.09
C GLU A 370 0.71 -23.84 18.70
N ASN A 371 0.82 -22.91 19.65
CA ASN A 371 0.56 -21.50 19.33
C ASN A 371 1.53 -20.96 18.29
N ILE A 372 2.76 -21.47 18.29
CA ILE A 372 3.74 -21.07 17.28
C ILE A 372 3.29 -21.52 15.89
N ARG A 373 2.69 -22.71 15.81
CA ARG A 373 2.16 -23.18 14.54
C ARG A 373 0.96 -22.36 14.10
N ARG A 374 0.16 -21.89 15.06
CA ARG A 374 -0.98 -21.04 14.71
C ARG A 374 -0.51 -19.72 14.11
N VAL A 375 0.55 -19.13 14.66
CA VAL A 375 1.07 -17.88 14.12
C VAL A 375 1.57 -18.07 12.69
N PHE A 376 2.20 -19.21 12.42
CA PHE A 376 2.68 -19.50 11.08
C PHE A 376 1.52 -19.60 10.08
N ASN A 377 0.43 -20.23 10.50
CA ASN A 377 -0.71 -20.39 9.61
C ASN A 377 -1.42 -19.06 9.35
N ASP A 378 -1.55 -18.23 10.38
CA ASP A 378 -2.17 -16.91 10.19
C ASP A 378 -1.30 -16.00 9.34
N CYS A 379 0.01 -16.01 9.58
CA CYS A 379 0.91 -15.19 8.77
C CYS A 379 0.91 -15.64 7.31
N ARG A 380 0.74 -16.94 7.06
CA ARG A 380 0.63 -17.42 5.69
C ARG A 380 -0.65 -16.91 5.04
N ASP A 381 -1.74 -16.86 5.79
CA ASP A 381 -3.00 -16.35 5.25
C ASP A 381 -2.90 -14.85 4.98
N ILE A 382 -2.16 -14.13 5.81
CA ILE A 382 -2.03 -12.68 5.64
C ILE A 382 -1.28 -12.35 4.37
N ILE A 383 -0.14 -13.02 4.14
CA ILE A 383 0.66 -12.76 2.96
C ILE A 383 -0.07 -13.23 1.69
N GLN A 384 -0.80 -14.34 1.80
CA GLN A 384 -1.56 -14.83 0.64
C GLN A 384 -2.66 -13.85 0.25
N ARG A 385 -3.40 -13.32 1.23
CA ARG A 385 -4.44 -12.35 0.94
C ARG A 385 -3.84 -11.04 0.44
N MET A 386 -2.64 -10.68 0.91
CA MET A 386 -1.99 -9.48 0.42
C MET A 386 -1.56 -9.63 -1.03
N HIS A 387 -1.00 -10.80 -1.39
CA HIS A 387 -0.61 -11.04 -2.77
C HIS A 387 -1.83 -11.08 -3.68
N LEU A 388 -2.95 -11.63 -3.18
CA LEU A 388 -4.18 -11.66 -3.98
C LEU A 388 -4.73 -10.25 -4.17
N ARG A 389 -4.55 -9.38 -3.17
CA ARG A 389 -5.04 -8.01 -3.29
C ARG A 389 -4.20 -7.19 -4.26
N GLN A 390 -2.91 -7.50 -4.38
CA GLN A 390 -2.06 -6.78 -5.32
C GLN A 390 -2.48 -7.04 -6.77
N TYR A 391 -2.85 -8.28 -7.06
CA TYR A 391 -3.33 -8.66 -8.39
C TYR A 391 -4.83 -8.41 -8.57
N GLU A 392 -5.47 -7.76 -7.59
CA GLU A 392 -6.90 -7.45 -7.62
C GLU A 392 -7.76 -8.71 -7.73
N LEU A 393 -7.23 -9.86 -7.32
CA LEU A 393 -8.01 -11.10 -7.39
C LEU A 393 -8.97 -11.20 -6.21
N LEU A 394 -8.53 -10.81 -5.02
CA LEU A 394 -9.36 -10.89 -3.82
C LEU A 394 -9.46 -9.54 -3.13
N SER B 12 -11.26 19.97 52.11
CA SER B 12 -9.92 19.41 52.24
C SER B 12 -8.87 20.35 51.66
N GLU B 13 -7.60 19.96 51.78
CA GLU B 13 -6.52 20.80 51.29
C GLU B 13 -6.48 20.81 49.76
N LEU B 14 -6.91 19.72 49.13
CA LEU B 14 -6.93 19.68 47.67
C LEU B 14 -7.91 20.68 47.11
N ASP B 15 -8.99 20.95 47.84
CA ASP B 15 -9.98 21.93 47.38
C ASP B 15 -9.41 23.35 47.39
N GLN B 16 -8.80 23.75 48.52
CA GLN B 16 -8.28 25.11 48.60
C GLN B 16 -7.10 25.33 47.66
N LEU B 17 -6.26 24.29 47.47
CA LEU B 17 -5.15 24.41 46.53
C LEU B 17 -5.65 24.50 45.10
N ARG B 18 -6.72 23.77 44.79
CA ARG B 18 -7.32 23.88 43.45
C ARG B 18 -8.00 25.24 43.27
N GLN B 19 -8.65 25.73 44.33
CA GLN B 19 -9.36 27.01 44.23
C GLN B 19 -8.40 28.15 43.97
N GLU B 20 -7.32 28.23 44.75
CA GLU B 20 -6.33 29.28 44.53
C GLU B 20 -5.62 29.11 43.19
N ALA B 21 -5.57 27.87 42.67
CA ALA B 21 -5.00 27.65 41.36
C ALA B 21 -5.86 28.28 40.26
N GLU B 22 -7.18 28.16 40.38
CA GLU B 22 -8.07 28.79 39.41
C GLU B 22 -8.00 30.31 39.53
N GLN B 23 -7.91 30.84 40.75
CA GLN B 23 -7.79 32.28 40.92
C GLN B 23 -6.52 32.82 40.26
N LEU B 24 -5.45 32.03 40.27
CA LEU B 24 -4.23 32.44 39.57
C LEU B 24 -4.45 32.42 38.06
N LYS B 25 -5.18 31.43 37.55
CA LYS B 25 -5.50 31.40 36.12
C LYS B 25 -6.33 32.60 35.71
N ASN B 26 -7.23 33.05 36.59
CA ASN B 26 -8.09 34.19 36.27
C ASN B 26 -7.30 35.48 36.25
N GLN B 27 -6.49 35.74 37.28
CA GLN B 27 -5.78 37.01 37.35
C GLN B 27 -4.73 37.12 36.25
N ILE B 28 -4.17 36.00 35.82
CA ILE B 28 -3.26 36.00 34.68
C ILE B 28 -4.03 36.33 33.40
N ARG B 29 -5.22 35.73 33.24
CA ARG B 29 -6.02 35.98 32.05
C ARG B 29 -6.54 37.42 32.01
N ASP B 30 -6.97 37.94 33.17
CA ASP B 30 -7.45 39.32 33.20
C ASP B 30 -6.32 40.31 32.95
N ALA B 31 -5.14 40.03 33.51
CA ALA B 31 -4.00 40.90 33.26
C ALA B 31 -3.57 40.84 31.81
N ARG B 32 -3.66 39.65 31.19
CA ARG B 32 -3.29 39.52 29.79
C ARG B 32 -4.34 40.17 28.88
N LYS B 33 -5.62 40.05 29.23
CA LYS B 33 -6.67 40.68 28.43
C LYS B 33 -6.54 42.20 28.46
N ALA B 34 -6.18 42.77 29.61
CA ALA B 34 -5.92 44.20 29.68
C ALA B 34 -4.67 44.58 28.89
N CYS B 35 -3.73 43.64 28.74
CA CYS B 35 -2.52 43.88 27.98
C CYS B 35 -2.74 43.89 26.48
N ALA B 36 -3.81 43.25 26.00
CA ALA B 36 -4.10 43.21 24.57
C ALA B 36 -4.77 44.51 24.15
N ASP B 37 -4.06 45.34 23.38
CA ASP B 37 -4.58 46.61 22.89
C ASP B 37 -5.03 46.53 21.44
N ALA B 38 -4.17 46.00 20.56
CA ALA B 38 -4.49 45.92 19.14
C ALA B 38 -3.94 44.61 18.58
N THR B 39 -4.80 43.87 17.89
CA THR B 39 -4.38 42.62 17.28
C THR B 39 -3.34 42.88 16.20
N LEU B 40 -2.37 41.95 16.08
CA LEU B 40 -1.31 42.09 15.10
C LEU B 40 -1.85 42.15 13.67
N SER B 41 -3.06 41.67 13.43
CA SER B 41 -3.66 41.78 12.10
C SER B 41 -3.97 43.23 11.77
N GLN B 42 -4.35 44.03 12.77
CA GLN B 42 -4.69 45.43 12.52
C GLN B 42 -3.47 46.25 12.14
N ILE B 43 -2.36 46.06 12.87
CA ILE B 43 -1.16 46.84 12.59
C ILE B 43 -0.50 46.42 11.28
N THR B 44 -0.81 45.21 10.79
CA THR B 44 -0.28 44.72 9.53
C THR B 44 -1.26 44.93 8.37
N ASN B 45 -2.15 45.90 8.48
CA ASN B 45 -3.10 46.17 7.41
C ASN B 45 -2.51 47.05 6.31
N ASN B 46 -1.39 47.70 6.56
CA ASN B 46 -0.74 48.57 5.58
C ASN B 46 0.45 47.91 4.90
N ILE B 47 0.73 46.64 5.20
CA ILE B 47 1.87 45.96 4.60
C ILE B 47 1.53 45.55 3.17
N ASP B 48 2.58 45.21 2.42
CA ASP B 48 2.43 44.78 1.04
C ASP B 48 2.66 43.28 0.94
N PRO B 49 1.68 42.49 0.50
CA PRO B 49 1.90 41.05 0.38
C PRO B 49 2.99 40.72 -0.63
N VAL B 50 3.76 39.68 -0.33
CA VAL B 50 4.86 39.29 -1.21
C VAL B 50 4.31 38.69 -2.51
N GLY B 51 3.25 37.91 -2.43
CA GLY B 51 2.66 37.31 -3.60
C GLY B 51 2.78 35.80 -3.63
N ARG B 52 3.16 35.25 -4.78
CA ARG B 52 3.31 33.82 -4.97
C ARG B 52 4.79 33.47 -5.15
N ILE B 53 5.29 32.59 -4.29
CA ILE B 53 6.69 32.18 -4.31
C ILE B 53 6.73 30.69 -4.66
N GLN B 54 5.79 30.26 -5.49
CA GLN B 54 5.69 28.86 -5.90
C GLN B 54 7.01 28.38 -6.51
N MET B 55 7.56 27.30 -5.93
CA MET B 55 8.84 26.78 -6.35
C MET B 55 8.76 25.26 -6.38
N ARG B 56 9.53 24.67 -7.29
CA ARG B 56 9.61 23.23 -7.45
C ARG B 56 10.83 22.67 -6.70
N THR B 57 10.82 21.36 -6.50
CA THR B 57 11.91 20.71 -5.79
C THR B 57 13.20 20.74 -6.63
N ARG B 58 14.33 20.74 -5.93
CA ARG B 58 15.64 20.78 -6.58
C ARG B 58 16.31 19.41 -6.62
N ARG B 59 16.47 18.76 -5.47
CA ARG B 59 17.17 17.49 -5.37
C ARG B 59 16.27 16.44 -4.74
N THR B 60 16.55 15.18 -5.04
CA THR B 60 15.83 14.04 -4.49
C THR B 60 16.82 13.11 -3.81
N LEU B 61 16.48 12.66 -2.60
CA LEU B 61 17.32 11.79 -1.81
C LEU B 61 16.63 10.46 -1.58
N ARG B 62 17.28 9.38 -2.01
CA ARG B 62 16.73 8.03 -1.86
C ARG B 62 17.79 7.13 -1.23
N GLY B 63 17.32 6.06 -0.59
CA GLY B 63 18.20 5.10 0.03
C GLY B 63 17.68 4.52 1.33
N HIS B 64 16.57 5.06 1.83
CA HIS B 64 15.97 4.55 3.06
C HIS B 64 14.94 3.47 2.73
N LEU B 65 14.77 2.55 3.68
CA LEU B 65 13.85 1.43 3.51
C LEU B 65 12.46 1.72 4.09
N ALA B 66 12.41 2.10 5.37
CA ALA B 66 11.16 2.32 6.06
C ALA B 66 10.82 3.81 6.10
N LYS B 67 9.77 4.15 6.82
CA LYS B 67 9.29 5.53 6.89
C LYS B 67 10.27 6.41 7.64
N ILE B 68 10.32 7.68 7.26
CA ILE B 68 11.18 8.68 7.88
C ILE B 68 10.36 9.41 8.95
N TYR B 69 10.94 9.54 10.15
CA TYR B 69 10.25 10.17 11.26
C TYR B 69 10.83 11.53 11.66
N ALA B 70 12.13 11.74 11.50
CA ALA B 70 12.74 12.99 11.92
C ALA B 70 13.98 13.27 11.09
N MET B 71 14.40 14.54 11.10
CA MET B 71 15.62 14.96 10.44
C MET B 71 16.12 16.23 11.12
N HIS B 72 17.33 16.64 10.77
CA HIS B 72 17.90 17.88 11.27
C HIS B 72 18.95 18.38 10.30
N TRP B 73 19.06 19.69 10.17
CA TRP B 73 20.02 20.31 9.29
C TRP B 73 21.36 20.54 10.00
N GLY B 74 22.36 20.93 9.22
CA GLY B 74 23.68 21.19 9.77
C GLY B 74 24.02 22.67 9.78
N THR B 75 25.00 23.05 10.59
CA THR B 75 25.39 24.46 10.69
C THR B 75 25.95 24.96 9.36
N ASP B 76 26.68 24.11 8.64
CA ASP B 76 27.20 24.46 7.32
C ASP B 76 26.12 24.52 6.25
N SER B 77 24.86 24.25 6.60
CA SER B 77 23.74 24.27 5.67
C SER B 77 23.96 23.34 4.48
N ARG B 78 24.74 22.28 4.68
CA ARG B 78 25.02 21.32 3.62
C ARG B 78 24.72 19.89 4.04
N LEU B 79 24.98 19.53 5.29
CA LEU B 79 24.80 18.17 5.76
C LEU B 79 23.48 18.02 6.50
N LEU B 80 22.75 16.95 6.21
CA LEU B 80 21.51 16.63 6.88
C LEU B 80 21.47 15.14 7.18
N VAL B 81 20.82 14.79 8.28
CA VAL B 81 20.74 13.40 8.74
C VAL B 81 19.29 13.06 9.01
N SER B 82 18.89 11.84 8.65
CA SER B 82 17.52 11.38 8.82
C SER B 82 17.53 9.99 9.44
N ALA B 83 16.39 9.63 10.04
CA ALA B 83 16.21 8.33 10.69
C ALA B 83 15.00 7.62 10.10
N SER B 84 15.06 6.29 10.08
CA SER B 84 13.97 5.48 9.57
C SER B 84 13.78 4.26 10.47
N GLN B 85 12.62 3.62 10.32
CA GLN B 85 12.27 2.48 11.16
C GLN B 85 13.09 1.24 10.86
N ASP B 86 13.85 1.21 9.77
CA ASP B 86 14.68 0.07 9.46
C ASP B 86 15.90 -0.05 10.38
N GLY B 87 16.17 0.97 11.19
CA GLY B 87 17.33 0.95 12.06
C GLY B 87 18.57 1.48 11.40
N LYS B 88 18.44 2.58 10.66
CA LYS B 88 19.54 3.16 9.91
C LYS B 88 19.56 4.67 10.09
N LEU B 89 20.76 5.23 10.17
CA LEU B 89 20.98 6.67 10.18
C LEU B 89 21.83 7.04 8.97
N ILE B 90 21.34 7.98 8.16
CA ILE B 90 21.99 8.36 6.91
C ILE B 90 22.25 9.85 6.93
N ILE B 91 23.52 10.23 6.72
CA ILE B 91 23.92 11.62 6.59
C ILE B 91 24.11 11.91 5.12
N TRP B 92 23.28 12.79 4.56
CA TRP B 92 23.30 13.07 3.14
C TRP B 92 24.20 14.28 2.85
N ASP B 93 24.29 14.62 1.57
CA ASP B 93 24.98 15.83 1.11
C ASP B 93 24.01 16.58 0.22
N SER B 94 23.61 17.77 0.66
CA SER B 94 22.57 18.52 -0.05
C SER B 94 23.02 19.00 -1.41
N TYR B 95 24.33 19.01 -1.68
CA TYR B 95 24.85 19.51 -2.94
C TYR B 95 25.22 18.39 -3.92
N THR B 96 26.00 17.41 -3.46
CA THR B 96 26.44 16.32 -4.31
C THR B 96 25.44 15.17 -4.37
N THR B 97 24.43 15.16 -3.50
CA THR B 97 23.38 14.14 -3.41
C THR B 97 23.94 12.78 -2.98
N ASN B 98 25.26 12.68 -2.76
CA ASN B 98 25.89 11.42 -2.40
C ASN B 98 25.87 11.24 -0.89
N LYS B 99 25.50 10.04 -0.44
CA LYS B 99 25.48 9.74 0.98
C LYS B 99 26.90 9.66 1.54
N VAL B 100 27.01 9.87 2.86
CA VAL B 100 28.31 9.91 3.51
C VAL B 100 28.43 8.76 4.50
N HIS B 101 27.55 8.73 5.49
CA HIS B 101 27.60 7.74 6.56
C HIS B 101 26.33 6.91 6.60
N ALA B 102 26.48 5.66 7.01
CA ALA B 102 25.36 4.74 7.21
C ALA B 102 25.54 4.10 8.58
N ILE B 103 24.74 4.52 9.54
CA ILE B 103 24.90 4.13 10.94
C ILE B 103 23.80 3.12 11.28
N PRO B 104 24.14 1.86 11.52
CA PRO B 104 23.13 0.91 12.00
C PRO B 104 22.77 1.17 13.46
N LEU B 105 21.58 0.71 13.83
CA LEU B 105 21.04 0.94 15.16
C LEU B 105 20.78 -0.39 15.85
N ARG B 106 21.01 -0.43 17.16
CA ARG B 106 20.70 -1.62 17.94
C ARG B 106 19.20 -1.88 17.97
N SER B 107 18.40 -0.82 18.09
CA SER B 107 16.95 -0.92 18.02
C SER B 107 16.48 -0.67 16.59
N SER B 108 15.17 -0.82 16.39
CA SER B 108 14.56 -0.64 15.08
C SER B 108 13.29 0.18 15.17
N TRP B 109 13.19 1.04 16.18
CA TRP B 109 12.01 1.88 16.36
C TRP B 109 12.41 3.30 16.75
N VAL B 110 13.41 3.85 16.06
CA VAL B 110 13.85 5.21 16.32
C VAL B 110 12.76 6.19 15.89
N MET B 111 12.53 7.21 16.73
CA MET B 111 11.46 8.17 16.48
C MET B 111 11.96 9.62 16.47
N THR B 112 13.27 9.84 16.54
CA THR B 112 13.79 11.20 16.55
C THR B 112 15.21 11.21 16.03
N CYS B 113 15.71 12.42 15.76
CA CYS B 113 17.07 12.62 15.30
C CYS B 113 17.46 14.06 15.59
N ALA B 114 18.76 14.32 15.56
CA ALA B 114 19.28 15.65 15.87
C ALA B 114 20.58 15.85 15.11
N TYR B 115 21.28 16.94 15.43
CA TYR B 115 22.54 17.28 14.78
C TYR B 115 23.27 18.29 15.66
N ALA B 116 24.56 18.05 15.90
CA ALA B 116 25.34 18.92 16.75
C ALA B 116 25.56 20.27 16.07
N PRO B 117 25.69 21.35 16.86
CA PRO B 117 25.96 22.66 16.24
C PRO B 117 27.31 22.75 15.55
N SER B 118 28.23 21.84 15.84
CA SER B 118 29.53 21.81 15.19
C SER B 118 29.66 20.69 14.18
N GLY B 119 28.64 19.85 14.04
CA GLY B 119 28.68 18.75 13.10
C GLY B 119 29.43 17.52 13.56
N ASN B 120 29.87 17.47 14.81
CA ASN B 120 30.65 16.36 15.33
C ASN B 120 29.81 15.32 16.06
N TYR B 121 28.49 15.52 16.16
CA TYR B 121 27.65 14.60 16.90
C TYR B 121 26.26 14.56 16.27
N VAL B 122 25.57 13.43 16.48
CA VAL B 122 24.19 13.25 16.08
C VAL B 122 23.45 12.61 17.26
N ALA B 123 22.16 12.33 17.05
CA ALA B 123 21.35 11.73 18.11
C ALA B 123 20.24 10.90 17.48
N CYS B 124 19.73 9.97 18.27
CA CYS B 124 18.63 9.11 17.85
C CYS B 124 17.96 8.54 19.10
N GLY B 125 16.66 8.30 18.99
CA GLY B 125 15.90 7.76 20.11
C GLY B 125 14.56 7.26 19.65
N GLY B 126 14.00 6.34 20.44
CA GLY B 126 12.72 5.75 20.11
C GLY B 126 12.14 4.90 21.21
N LEU B 127 11.54 3.77 20.85
CA LEU B 127 10.88 2.90 21.82
C LEU B 127 11.86 2.21 22.77
N ASP B 128 13.15 2.24 22.48
CA ASP B 128 14.13 1.65 23.38
C ASP B 128 14.33 2.46 24.66
N ASN B 129 13.73 3.64 24.75
CA ASN B 129 13.84 4.54 25.90
C ASN B 129 15.28 4.91 26.21
N ILE B 130 16.16 4.83 25.22
CA ILE B 130 17.58 5.13 25.38
C ILE B 130 18.02 6.03 24.23
N CYS B 131 18.63 7.16 24.56
CA CYS B 131 19.18 8.07 23.58
C CYS B 131 20.62 7.70 23.28
N SER B 132 20.96 7.55 22.00
CA SER B 132 22.27 7.14 21.57
C SER B 132 22.98 8.29 20.87
N ILE B 133 24.19 8.60 21.33
CA ILE B 133 25.01 9.67 20.77
C ILE B 133 26.12 9.01 19.96
N TYR B 134 26.23 9.37 18.69
CA TYR B 134 27.22 8.78 17.79
C TYR B 134 28.26 9.83 17.43
N ASN B 135 29.53 9.48 17.59
CA ASN B 135 30.63 10.35 17.21
C ASN B 135 31.08 10.02 15.78
N LEU B 136 31.05 11.03 14.92
CA LEU B 136 31.39 10.83 13.51
C LEU B 136 32.88 11.02 13.23
N LYS B 137 33.57 11.83 14.04
CA LYS B 137 35.00 12.08 13.85
C LYS B 137 35.78 11.16 14.77
N THR B 138 35.82 9.89 14.40
CA THR B 138 36.54 8.88 15.16
C THR B 138 37.96 8.78 14.60
N ARG B 139 38.73 7.78 15.06
CA ARG B 139 40.12 7.65 14.66
C ARG B 139 40.37 6.57 13.62
N GLU B 140 39.44 5.63 13.44
CA GLU B 140 39.58 4.57 12.46
C GLU B 140 38.75 4.81 11.21
N GLY B 141 38.00 5.90 11.15
CA GLY B 141 37.18 6.21 10.00
C GLY B 141 35.82 5.55 9.97
N ASN B 142 35.47 4.79 11.00
CA ASN B 142 34.18 4.15 11.10
C ASN B 142 33.27 4.95 12.04
N VAL B 143 32.08 4.44 12.31
CA VAL B 143 31.10 5.11 13.14
C VAL B 143 30.68 4.16 14.25
N ARG B 144 30.69 4.65 15.49
CA ARG B 144 30.33 3.86 16.65
C ARG B 144 29.63 4.75 17.66
N VAL B 145 28.81 4.14 18.51
CA VAL B 145 28.09 4.90 19.52
C VAL B 145 29.06 5.36 20.60
N SER B 146 28.92 6.62 21.00
CA SER B 146 29.81 7.20 22.02
C SER B 146 29.24 7.01 23.42
N ARG B 147 27.97 7.36 23.62
CA ARG B 147 27.33 7.26 24.93
C ARG B 147 25.85 6.98 24.75
N GLU B 148 25.34 6.04 25.53
CA GLU B 148 23.91 5.72 25.57
C GLU B 148 23.35 6.19 26.91
N LEU B 149 22.22 6.90 26.85
CA LEU B 149 21.62 7.50 28.03
C LEU B 149 20.34 6.76 28.39
N ALA B 150 20.30 6.21 29.59
CA ALA B 150 19.14 5.46 30.08
C ALA B 150 18.61 6.11 31.35
N GLY B 151 17.31 5.99 31.55
CA GLY B 151 16.67 6.58 32.71
C GLY B 151 15.29 7.13 32.40
N HIS B 152 14.99 7.32 31.11
CA HIS B 152 13.68 7.76 30.68
C HIS B 152 12.70 6.59 30.73
N THR B 153 11.55 6.81 31.37
CA THR B 153 10.57 5.73 31.49
C THR B 153 9.89 5.45 30.14
N GLY B 154 9.64 6.49 29.35
CA GLY B 154 8.95 6.36 28.10
C GLY B 154 9.86 6.48 26.89
N TYR B 155 9.24 6.42 25.72
CA TYR B 155 9.95 6.52 24.45
C TYR B 155 10.50 7.93 24.24
N LEU B 156 11.61 8.01 23.52
CA LEU B 156 12.18 9.30 23.16
C LEU B 156 11.47 9.86 21.95
N SER B 157 11.27 11.18 21.95
CA SER B 157 10.54 11.85 20.88
C SER B 157 11.28 13.00 20.22
N CYS B 158 12.16 13.69 20.94
CA CYS B 158 12.91 14.79 20.37
C CYS B 158 14.18 15.03 21.18
N CYS B 159 15.28 15.32 20.47
CA CYS B 159 16.55 15.64 21.09
C CYS B 159 17.17 16.83 20.37
N ARG B 160 17.85 17.70 21.12
CA ARG B 160 18.49 18.88 20.55
C ARG B 160 19.75 19.16 21.34
N PHE B 161 20.90 19.10 20.67
CA PHE B 161 22.17 19.39 21.31
C PHE B 161 22.27 20.86 21.64
N LEU B 162 22.66 21.17 22.89
CA LEU B 162 22.96 22.55 23.28
C LEU B 162 24.41 22.90 23.00
N ASP B 163 25.33 21.99 23.31
CA ASP B 163 26.74 22.13 22.98
C ASP B 163 27.36 20.75 22.94
N ASP B 164 28.69 20.69 22.92
CA ASP B 164 29.40 19.42 22.83
C ASP B 164 29.31 18.58 24.10
N ASN B 165 28.75 19.14 25.18
CA ASN B 165 28.72 18.45 26.46
C ASN B 165 27.33 18.07 26.94
N GLN B 166 26.34 18.96 26.79
CA GLN B 166 25.00 18.72 27.29
C GLN B 166 24.01 18.59 26.14
N ILE B 167 22.95 17.81 26.36
CA ILE B 167 21.90 17.58 25.39
C ILE B 167 20.55 17.59 26.11
N VAL B 168 19.55 18.18 25.47
CA VAL B 168 18.19 18.21 26.00
C VAL B 168 17.35 17.18 25.23
N THR B 169 16.80 16.22 25.95
CA THR B 169 15.98 15.17 25.35
C THR B 169 14.59 15.19 25.96
N SER B 170 13.58 14.98 25.12
CA SER B 170 12.19 14.90 25.55
C SER B 170 11.69 13.48 25.33
N SER B 171 11.09 12.90 26.36
CA SER B 171 10.59 11.53 26.31
C SER B 171 9.10 11.51 26.62
N GLY B 172 8.51 10.32 26.49
CA GLY B 172 7.11 10.12 26.77
C GLY B 172 6.76 9.94 28.23
N ASP B 173 7.72 10.10 29.13
CA ASP B 173 7.49 9.97 30.57
C ASP B 173 7.05 11.27 31.20
N THR B 174 6.47 12.18 30.42
CA THR B 174 5.96 13.49 30.85
C THR B 174 7.05 14.38 31.45
N THR B 175 8.32 14.02 31.33
CA THR B 175 9.41 14.81 31.87
C THR B 175 10.46 15.04 30.81
N CYS B 176 10.95 16.28 30.72
CA CYS B 176 12.08 16.63 29.87
C CYS B 176 13.34 16.68 30.72
N ALA B 177 14.45 16.21 30.15
CA ALA B 177 15.69 16.07 30.90
C ALA B 177 16.83 16.77 30.17
N LEU B 178 17.77 17.30 30.95
CA LEU B 178 19.00 17.89 30.43
C LEU B 178 20.14 16.94 30.81
N TRP B 179 20.57 16.13 29.85
CA TRP B 179 21.58 15.11 30.10
C TRP B 179 22.97 15.74 30.19
N ASP B 180 23.97 14.89 30.38
CA ASP B 180 25.37 15.33 30.46
C ASP B 180 26.24 14.19 29.93
N ILE B 181 26.74 14.35 28.71
CA ILE B 181 27.60 13.32 28.13
C ILE B 181 28.89 13.23 28.93
N GLU B 182 29.59 12.10 28.78
CA GLU B 182 30.78 11.70 29.51
C GLU B 182 30.49 11.42 30.98
N THR B 183 29.26 11.56 31.43
CA THR B 183 28.84 11.22 32.78
C THR B 183 27.73 10.19 32.82
N GLY B 184 26.78 10.26 31.88
CA GLY B 184 25.71 9.30 31.81
C GLY B 184 24.55 9.55 32.76
N GLN B 185 24.54 10.68 33.47
CA GLN B 185 23.49 10.99 34.43
C GLN B 185 22.85 12.33 34.06
N GLN B 186 21.58 12.47 34.43
CA GLN B 186 20.86 13.70 34.17
C GLN B 186 21.33 14.81 35.09
N THR B 187 21.32 16.04 34.57
CA THR B 187 21.69 17.21 35.35
C THR B 187 20.45 17.87 35.96
N THR B 188 19.48 18.22 35.11
CA THR B 188 18.22 18.80 35.55
C THR B 188 17.08 18.13 34.80
N THR B 189 15.92 18.06 35.46
CA THR B 189 14.73 17.43 34.89
C THR B 189 13.57 18.40 34.97
N PHE B 190 12.80 18.49 33.89
CA PHE B 190 11.66 19.40 33.78
C PHE B 190 10.38 18.58 33.91
N THR B 191 9.90 18.44 35.14
CA THR B 191 8.67 17.69 35.42
C THR B 191 7.52 18.68 35.54
N GLY B 192 7.06 19.17 34.39
CA GLY B 192 5.98 20.14 34.39
C GLY B 192 4.81 19.75 33.50
N HIS B 193 5.03 18.82 32.58
CA HIS B 193 4.00 18.42 31.63
C HIS B 193 3.19 17.25 32.18
N THR B 194 1.94 17.17 31.75
CA THR B 194 1.04 16.10 32.11
C THR B 194 0.72 15.17 30.93
N GLY B 195 1.52 15.25 29.87
CA GLY B 195 1.33 14.42 28.71
C GLY B 195 2.65 14.14 28.03
N ASP B 196 2.60 13.29 27.01
CA ASP B 196 3.81 12.93 26.28
C ASP B 196 4.37 14.15 25.56
N VAL B 197 5.68 14.37 25.70
CA VAL B 197 6.36 15.47 25.03
C VAL B 197 6.80 15.00 23.65
N MET B 198 6.47 15.78 22.63
CA MET B 198 6.69 15.37 21.25
C MET B 198 7.91 16.06 20.63
N SER B 199 7.95 17.38 20.65
CA SER B 199 9.02 18.12 20.01
C SER B 199 9.44 19.30 20.87
N LEU B 200 10.67 19.75 20.65
CA LEU B 200 11.20 20.92 21.34
C LEU B 200 12.18 21.63 20.41
N SER B 201 12.46 22.88 20.74
CA SER B 201 13.45 23.66 20.00
C SER B 201 14.13 24.61 20.96
N LEU B 202 15.37 24.96 20.64
CA LEU B 202 16.19 25.82 21.49
C LEU B 202 16.41 27.16 20.80
N ALA B 203 16.38 28.23 21.59
CA ALA B 203 16.62 29.56 21.07
C ALA B 203 18.09 29.71 20.68
N PRO B 204 18.41 30.65 19.76
CA PRO B 204 19.81 30.82 19.36
C PRO B 204 20.63 31.58 20.40
N ASP B 205 20.49 31.19 21.66
CA ASP B 205 21.30 31.76 22.74
C ASP B 205 21.69 30.72 23.77
N THR B 206 21.47 29.43 23.50
CA THR B 206 21.78 28.28 24.35
C THR B 206 21.43 28.53 25.82
N ARG B 207 20.41 29.34 26.07
CA ARG B 207 19.97 29.67 27.41
C ARG B 207 18.53 29.28 27.67
N LEU B 208 17.61 29.56 26.74
CA LEU B 208 16.20 29.27 26.90
C LEU B 208 15.72 28.37 25.77
N PHE B 209 14.78 27.48 26.10
CA PHE B 209 14.17 26.61 25.10
C PHE B 209 12.74 26.32 25.50
N VAL B 210 11.89 26.16 24.50
CA VAL B 210 10.47 25.86 24.69
C VAL B 210 10.23 24.42 24.27
N SER B 211 9.24 23.78 24.91
CA SER B 211 8.91 22.39 24.63
C SER B 211 7.40 22.23 24.60
N GLY B 212 6.89 21.55 23.59
CA GLY B 212 5.47 21.26 23.45
C GLY B 212 5.21 19.78 23.71
N ALA B 213 4.08 19.49 24.36
CA ALA B 213 3.75 18.14 24.76
C ALA B 213 2.32 17.84 24.32
N CYS B 214 1.81 16.69 24.74
CA CYS B 214 0.47 16.24 24.39
C CYS B 214 -0.61 16.83 25.28
N ASP B 215 -0.27 17.79 26.15
CA ASP B 215 -1.23 18.44 27.01
C ASP B 215 -1.74 19.76 26.44
N ALA B 216 -1.54 19.99 25.14
CA ALA B 216 -1.99 21.20 24.46
C ALA B 216 -1.43 22.46 25.13
N SER B 217 -0.14 22.43 25.46
CA SER B 217 0.51 23.56 26.11
C SER B 217 2.00 23.49 25.85
N ALA B 218 2.58 24.63 25.51
CA ALA B 218 4.02 24.77 25.31
C ALA B 218 4.61 25.55 26.47
N LYS B 219 5.60 24.96 27.13
CA LYS B 219 6.20 25.53 28.33
C LYS B 219 7.61 26.02 28.03
N LEU B 220 7.90 27.25 28.41
CA LEU B 220 9.23 27.83 28.25
C LEU B 220 10.08 27.47 29.47
N TRP B 221 11.13 26.69 29.25
CA TRP B 221 12.01 26.25 30.33
C TRP B 221 13.28 27.09 30.35
N ASP B 222 14.07 26.89 31.41
CA ASP B 222 15.35 27.56 31.59
C ASP B 222 16.37 26.53 32.05
N VAL B 223 17.35 26.24 31.19
CA VAL B 223 18.32 25.20 31.51
C VAL B 223 19.23 25.60 32.65
N ARG B 224 19.36 26.91 32.92
CA ARG B 224 20.27 27.35 33.97
C ARG B 224 19.71 27.03 35.36
N GLU B 225 18.40 27.22 35.56
CA GLU B 225 17.78 26.94 36.84
C GLU B 225 16.88 25.71 36.82
N GLY B 226 16.51 25.21 35.65
CA GLY B 226 15.67 24.02 35.58
C GLY B 226 14.26 24.22 36.05
N MET B 227 13.63 25.33 35.69
CA MET B 227 12.26 25.63 36.09
C MET B 227 11.47 26.12 34.88
N CYS B 228 10.15 26.06 35.00
CA CYS B 228 9.25 26.53 33.95
C CYS B 228 9.18 28.05 34.00
N ARG B 229 9.85 28.71 33.07
CA ARG B 229 9.83 30.17 33.02
C ARG B 229 8.44 30.68 32.66
N GLN B 230 7.91 30.25 31.52
CA GLN B 230 6.60 30.68 31.05
C GLN B 230 5.87 29.50 30.44
N THR B 231 4.55 29.63 30.36
CA THR B 231 3.68 28.62 29.76
C THR B 231 2.83 29.26 28.67
N PHE B 232 2.86 28.68 27.47
CA PHE B 232 2.13 29.18 26.33
C PHE B 232 1.05 28.18 25.95
N THR B 233 -0.20 28.63 25.90
CA THR B 233 -1.33 27.78 25.55
C THR B 233 -2.07 28.41 24.38
N GLY B 234 -3.12 27.73 23.91
CA GLY B 234 -3.91 28.21 22.81
C GLY B 234 -4.32 27.12 21.84
N HIS B 235 -3.55 26.03 21.80
CA HIS B 235 -3.87 24.93 20.90
C HIS B 235 -5.01 24.09 21.47
N GLU B 236 -5.69 23.37 20.59
CA GLU B 236 -6.80 22.52 20.96
C GLU B 236 -6.47 21.03 20.91
N SER B 237 -5.25 20.67 20.57
CA SER B 237 -4.84 19.27 20.50
C SER B 237 -3.36 19.18 20.89
N ASP B 238 -2.80 17.98 20.76
CA ASP B 238 -1.41 17.76 21.13
C ASP B 238 -0.48 18.48 20.16
N ILE B 239 0.56 19.12 20.71
CA ILE B 239 1.51 19.88 19.90
C ILE B 239 2.58 18.93 19.38
N ASN B 240 2.73 18.88 18.06
CA ASN B 240 3.71 18.00 17.43
C ASN B 240 4.90 18.74 16.85
N ALA B 241 4.84 20.07 16.74
CA ALA B 241 5.91 20.83 16.14
C ALA B 241 6.06 22.16 16.87
N ILE B 242 7.26 22.72 16.81
CA ILE B 242 7.56 23.98 17.47
C ILE B 242 8.84 24.54 16.86
N CYS B 243 8.91 25.86 16.77
CA CYS B 243 10.06 26.54 16.19
C CYS B 243 10.10 27.97 16.69
N PHE B 244 11.29 28.58 16.59
CA PHE B 244 11.53 29.93 17.08
C PHE B 244 11.53 30.94 15.95
N PHE B 245 11.27 32.20 16.31
CA PHE B 245 11.53 33.31 15.41
C PHE B 245 13.03 33.63 15.42
N PRO B 246 13.58 34.06 14.28
CA PRO B 246 15.02 34.34 14.24
C PRO B 246 15.50 35.35 15.29
N ASN B 247 14.65 36.30 15.67
CA ASN B 247 15.03 37.26 16.70
C ASN B 247 15.16 36.61 18.07
N GLY B 248 14.43 35.52 18.32
CA GLY B 248 14.49 34.83 19.59
C GLY B 248 13.45 35.24 20.61
N ASN B 249 12.70 36.31 20.36
CA ASN B 249 11.67 36.77 21.28
C ASN B 249 10.29 36.24 20.94
N ALA B 250 10.16 35.42 19.89
CA ALA B 250 8.89 34.84 19.50
C ALA B 250 9.11 33.42 19.00
N PHE B 251 8.04 32.62 19.03
CA PHE B 251 8.12 31.25 18.57
C PHE B 251 6.74 30.79 18.10
N ALA B 252 6.73 29.83 17.19
CA ALA B 252 5.50 29.30 16.62
C ALA B 252 5.39 27.81 16.91
N THR B 253 4.15 27.32 16.97
CA THR B 253 3.87 25.94 17.30
C THR B 253 3.01 25.31 16.21
N GLY B 254 2.80 23.99 16.35
CA GLY B 254 1.95 23.25 15.45
C GLY B 254 1.34 22.03 16.11
N SER B 255 0.02 21.88 16.01
CA SER B 255 -0.69 20.79 16.65
C SER B 255 -1.36 19.92 15.58
N ASP B 256 -2.10 18.92 16.06
CA ASP B 256 -2.78 17.97 15.18
C ASP B 256 -4.18 18.43 14.76
N ASP B 257 -4.59 19.65 15.14
CA ASP B 257 -5.90 20.18 14.78
C ASP B 257 -5.85 21.05 13.52
N ALA B 258 -4.82 20.90 12.69
CA ALA B 258 -4.66 21.66 11.46
C ALA B 258 -4.59 23.17 11.73
N THR B 259 -3.95 23.54 12.84
CA THR B 259 -3.77 24.94 13.20
C THR B 259 -2.31 25.19 13.53
N CYS B 260 -1.80 26.33 13.08
CA CYS B 260 -0.45 26.79 13.39
C CYS B 260 -0.55 28.18 14.02
N ARG B 261 0.01 28.32 15.22
CA ARG B 261 -0.12 29.55 15.98
C ARG B 261 1.26 30.17 16.21
N LEU B 262 1.27 31.50 16.34
CA LEU B 262 2.49 32.25 16.61
C LEU B 262 2.40 32.86 18.01
N PHE B 263 3.42 32.60 18.82
CA PHE B 263 3.47 33.08 20.20
C PHE B 263 4.65 34.03 20.37
N ASP B 264 4.50 34.99 21.28
CA ASP B 264 5.54 35.94 21.61
C ASP B 264 5.94 35.75 23.07
N LEU B 265 7.25 35.68 23.32
CA LEU B 265 7.74 35.44 24.68
C LEU B 265 7.38 36.56 25.64
N ARG B 266 7.20 37.79 25.13
CA ARG B 266 6.85 38.92 25.98
C ARG B 266 5.34 39.13 26.06
N ALA B 267 4.60 38.78 25.01
CA ALA B 267 3.16 38.92 25.04
C ALA B 267 2.50 37.80 25.85
N ASP B 268 3.07 36.60 25.83
CA ASP B 268 2.57 35.46 26.60
C ASP B 268 1.15 35.08 26.19
N GLN B 269 0.84 35.18 24.91
CA GLN B 269 -0.46 34.78 24.39
C GLN B 269 -0.37 34.63 22.88
N GLU B 270 -1.35 33.94 22.31
CA GLU B 270 -1.39 33.74 20.87
C GLU B 270 -1.70 35.05 20.15
N LEU B 271 -1.03 35.26 19.02
CA LEU B 271 -1.22 36.44 18.20
C LEU B 271 -2.00 36.13 16.93
N MET B 272 -1.54 35.17 16.13
CA MET B 272 -2.21 34.78 14.90
C MET B 272 -2.32 33.27 14.82
N THR B 273 -3.35 32.79 14.15
CA THR B 273 -3.58 31.37 13.92
C THR B 273 -3.48 31.11 12.42
N TYR B 274 -2.37 30.53 11.99
CA TYR B 274 -2.13 30.25 10.57
C TYR B 274 -2.84 28.95 10.19
N SER B 275 -4.17 29.03 10.17
CA SER B 275 -5.02 27.90 9.83
C SER B 275 -5.84 28.22 8.58
N HIS B 276 -6.37 27.17 7.96
CA HIS B 276 -7.20 27.30 6.78
C HIS B 276 -8.32 26.29 6.84
N ASP B 277 -9.43 26.61 6.15
CA ASP B 277 -10.59 25.73 6.16
C ASP B 277 -10.39 24.51 5.25
N ASN B 278 -9.47 24.60 4.29
CA ASN B 278 -9.22 23.45 3.42
C ASN B 278 -8.41 22.37 4.13
N ILE B 279 -7.43 22.77 4.94
CA ILE B 279 -6.56 21.81 5.60
C ILE B 279 -7.28 21.23 6.81
N ILE B 280 -7.24 19.89 6.94
CA ILE B 280 -7.85 19.22 8.08
C ILE B 280 -6.89 18.29 8.82
N CYS B 281 -5.81 17.85 8.19
CA CYS B 281 -4.87 16.95 8.85
C CYS B 281 -3.92 17.72 9.75
N GLY B 282 -3.28 16.99 10.67
CA GLY B 282 -2.42 17.63 11.66
C GLY B 282 -1.07 18.00 11.11
N ILE B 283 -0.38 18.86 11.86
CA ILE B 283 0.96 19.32 11.51
C ILE B 283 1.99 18.41 12.18
N THR B 284 3.05 18.09 11.44
CA THR B 284 4.13 17.26 11.96
C THR B 284 5.43 18.02 12.17
N SER B 285 5.69 19.07 11.41
CA SER B 285 6.93 19.82 11.56
C SER B 285 6.73 21.23 11.00
N VAL B 286 7.28 22.22 11.71
CA VAL B 286 7.21 23.62 11.29
C VAL B 286 8.62 24.21 11.30
N SER B 287 8.76 25.35 10.64
CA SER B 287 10.03 26.05 10.60
C SER B 287 9.79 27.48 10.13
N PHE B 288 10.81 28.32 10.29
CA PHE B 288 10.78 29.71 9.89
C PHE B 288 11.85 29.96 8.83
N SER B 289 11.95 31.22 8.40
CA SER B 289 12.96 31.64 7.45
C SER B 289 14.12 32.34 8.16
N LYS B 290 15.11 32.74 7.37
CA LYS B 290 16.25 33.46 7.93
C LYS B 290 15.83 34.83 8.46
N SER B 291 15.08 35.58 7.66
CA SER B 291 14.60 36.89 8.07
C SER B 291 13.30 36.83 8.85
N GLY B 292 12.68 35.66 8.95
CA GLY B 292 11.41 35.52 9.63
C GLY B 292 10.20 35.94 8.83
N ARG B 293 10.39 36.46 7.62
CA ARG B 293 9.28 36.89 6.77
C ARG B 293 8.73 35.74 5.93
N LEU B 294 8.43 34.63 6.59
CA LEU B 294 7.92 33.42 5.95
C LEU B 294 7.54 32.45 7.04
N LEU B 295 6.89 31.36 6.64
CA LEU B 295 6.50 30.31 7.58
C LEU B 295 6.27 29.02 6.80
N LEU B 296 6.76 27.92 7.37
CA LEU B 296 6.57 26.59 6.79
C LEU B 296 5.92 25.68 7.82
N ALA B 297 5.11 24.73 7.33
CA ALA B 297 4.42 23.80 8.20
C ALA B 297 4.07 22.55 7.43
N GLY B 298 4.52 21.39 7.92
CA GLY B 298 4.17 20.14 7.30
C GLY B 298 2.77 19.69 7.66
N TYR B 299 2.23 18.79 6.83
CA TYR B 299 0.88 18.29 7.04
C TYR B 299 0.84 16.82 6.62
N ASP B 300 -0.24 16.15 7.01
CA ASP B 300 -0.40 14.73 6.69
C ASP B 300 -1.06 14.49 5.35
N ASP B 301 -1.47 15.53 4.63
CA ASP B 301 -2.09 15.39 3.33
C ASP B 301 -1.08 15.35 2.19
N PHE B 302 0.17 14.95 2.48
CA PHE B 302 1.25 14.66 1.54
C PHE B 302 1.91 15.92 0.98
N ASN B 303 1.63 17.10 1.52
CA ASN B 303 2.26 18.31 1.03
C ASN B 303 2.43 19.31 2.16
N CYS B 304 3.31 20.28 1.94
CA CYS B 304 3.62 21.32 2.92
C CYS B 304 3.15 22.68 2.40
N ASN B 305 2.66 23.50 3.32
CA ASN B 305 2.18 24.84 2.99
C ASN B 305 3.23 25.88 3.37
N VAL B 306 3.13 27.04 2.74
CA VAL B 306 4.04 28.17 2.98
C VAL B 306 3.19 29.37 3.38
N TRP B 307 3.61 30.05 4.45
CA TRP B 307 2.85 31.19 4.96
C TRP B 307 3.75 32.42 5.10
N ASP B 308 3.21 33.48 5.70
CA ASP B 308 3.96 34.69 6.00
C ASP B 308 3.70 35.07 7.45
N ALA B 309 4.76 35.48 8.14
CA ALA B 309 4.63 35.76 9.58
C ALA B 309 3.77 36.98 9.84
N LEU B 310 3.87 38.01 9.00
CA LEU B 310 3.12 39.24 9.23
C LEU B 310 1.62 39.01 9.06
N LYS B 311 1.23 38.30 8.00
CA LYS B 311 -0.18 38.03 7.73
C LYS B 311 -0.27 36.73 6.94
N ALA B 312 -1.44 36.09 7.01
CA ALA B 312 -1.66 34.84 6.29
C ALA B 312 -1.61 35.07 4.79
N ASP B 313 -0.51 34.63 4.16
CA ASP B 313 -0.31 34.78 2.71
C ASP B 313 0.08 33.41 2.15
N ARG B 314 -0.89 32.70 1.61
CA ARG B 314 -0.64 31.36 1.07
C ARG B 314 0.26 31.44 -0.16
N ALA B 315 1.46 30.89 -0.05
CA ALA B 315 2.39 30.81 -1.17
C ALA B 315 2.25 29.44 -1.83
N GLY B 316 3.17 29.13 -2.74
CA GLY B 316 3.13 27.86 -3.44
C GLY B 316 3.24 26.66 -2.52
N VAL B 317 2.34 25.69 -2.69
CA VAL B 317 2.33 24.51 -1.86
C VAL B 317 3.43 23.56 -2.31
N LEU B 318 4.25 23.11 -1.35
CA LEU B 318 5.37 22.20 -1.64
C LEU B 318 4.83 20.77 -1.71
N ALA B 319 4.20 20.47 -2.83
CA ALA B 319 3.54 19.17 -3.04
C ALA B 319 4.45 18.30 -3.91
N GLY B 320 5.22 17.43 -3.26
CA GLY B 320 6.05 16.50 -3.99
C GLY B 320 6.19 15.14 -3.34
N HIS B 321 5.43 14.90 -2.27
CA HIS B 321 5.54 13.67 -1.50
C HIS B 321 4.33 12.78 -1.72
N ASP B 322 4.51 11.48 -1.51
CA ASP B 322 3.47 10.49 -1.67
C ASP B 322 2.82 10.06 -0.36
N ASN B 323 3.60 9.94 0.71
CA ASN B 323 3.12 9.52 2.00
C ASN B 323 3.09 10.72 2.96
N ARG B 324 2.73 10.45 4.22
CA ARG B 324 2.59 11.51 5.20
C ARG B 324 3.91 12.22 5.45
N VAL B 325 3.90 13.54 5.40
CA VAL B 325 5.08 14.33 5.74
C VAL B 325 5.24 14.34 7.26
N SER B 326 6.41 13.93 7.73
CA SER B 326 6.67 13.80 9.15
C SER B 326 7.75 14.72 9.68
N CYS B 327 8.59 15.30 8.82
CA CYS B 327 9.71 16.10 9.27
C CYS B 327 10.19 17.01 8.16
N LEU B 328 10.72 18.16 8.55
CA LEU B 328 11.26 19.14 7.61
C LEU B 328 12.17 20.09 8.38
N GLY B 329 12.88 20.91 7.63
CA GLY B 329 13.80 21.87 8.24
C GLY B 329 14.22 22.94 7.26
N VAL B 330 14.87 23.97 7.79
CA VAL B 330 15.37 25.09 7.02
C VAL B 330 16.85 25.27 7.33
N THR B 331 17.66 25.51 6.29
CA THR B 331 19.08 25.70 6.48
C THR B 331 19.37 26.94 7.31
N ASP B 332 20.56 26.96 7.93
CA ASP B 332 20.94 28.10 8.74
C ASP B 332 21.13 29.35 7.89
N ASP B 333 21.63 29.19 6.66
CA ASP B 333 21.75 30.34 5.77
C ASP B 333 20.43 30.71 5.11
N GLY B 334 19.43 29.84 5.17
CA GLY B 334 18.14 30.12 4.57
C GLY B 334 18.09 29.98 3.07
N MET B 335 19.10 29.36 2.44
CA MET B 335 19.10 29.24 0.99
C MET B 335 18.01 28.30 0.51
N ALA B 336 17.88 27.13 1.13
CA ALA B 336 16.92 26.14 0.71
C ALA B 336 16.34 25.45 1.93
N VAL B 337 15.31 24.63 1.70
CA VAL B 337 14.64 23.88 2.76
C VAL B 337 14.59 22.42 2.34
N ALA B 338 14.33 21.56 3.33
CA ALA B 338 14.19 20.13 3.11
C ALA B 338 12.91 19.63 3.75
N THR B 339 12.42 18.49 3.26
CA THR B 339 11.21 17.87 3.78
C THR B 339 11.41 16.36 3.85
N GLY B 340 10.69 15.74 4.78
CA GLY B 340 10.72 14.30 4.93
C GLY B 340 9.33 13.72 4.96
N SER B 341 9.22 12.48 4.52
CA SER B 341 7.92 11.82 4.43
C SER B 341 8.09 10.33 4.72
N TRP B 342 6.96 9.65 4.92
CA TRP B 342 6.97 8.23 5.23
C TRP B 342 7.30 7.35 4.03
N ASP B 343 7.42 7.93 2.84
CA ASP B 343 7.77 7.17 1.65
C ASP B 343 9.27 6.94 1.50
N SER B 344 10.03 7.13 2.57
CA SER B 344 11.50 6.97 2.56
C SER B 344 12.15 7.81 1.47
N PHE B 345 11.60 9.01 1.26
CA PHE B 345 12.12 9.94 0.25
C PHE B 345 12.31 11.31 0.89
N LEU B 346 13.44 11.95 0.57
CA LEU B 346 13.77 13.28 1.05
C LEU B 346 13.96 14.21 -0.13
N LYS B 347 13.38 15.40 -0.06
CA LYS B 347 13.47 16.39 -1.12
C LYS B 347 13.97 17.71 -0.55
N ILE B 348 14.68 18.46 -1.38
CA ILE B 348 15.29 19.73 -0.98
C ILE B 348 14.67 20.81 -1.85
N TRP B 349 13.78 21.61 -1.26
CA TRP B 349 13.12 22.71 -1.96
C TRP B 349 13.89 24.00 -1.76
N ASN B 350 14.03 24.77 -2.83
CA ASN B 350 14.72 26.06 -2.75
C ASN B 350 13.84 27.15 -3.36
N SER C 8 -1.80 12.26 46.24
CA SER C 8 -1.88 13.28 45.22
C SER C 8 -1.93 14.67 45.84
N ILE C 9 -1.12 14.89 46.88
CA ILE C 9 -1.05 16.16 47.55
C ILE C 9 0.20 16.95 47.18
N ALA C 10 1.31 16.28 46.85
CA ALA C 10 2.53 17.01 46.52
C ALA C 10 2.44 17.64 45.13
N GLN C 11 1.76 16.97 44.19
CA GLN C 11 1.67 17.50 42.83
C GLN C 11 0.86 18.78 42.79
N ALA C 12 -0.16 18.89 43.65
CA ALA C 12 -0.95 20.11 43.70
C ALA C 12 -0.14 21.28 44.24
N ARG C 13 0.74 21.01 45.21
CA ARG C 13 1.61 22.08 45.74
C ARG C 13 2.60 22.53 44.68
N LYS C 14 3.15 21.60 43.89
CA LYS C 14 4.09 21.97 42.85
C LYS C 14 3.41 22.77 41.75
N LEU C 15 2.16 22.45 41.43
CA LEU C 15 1.44 23.16 40.38
C LEU C 15 1.16 24.60 40.80
N VAL C 16 0.76 24.80 42.05
CA VAL C 16 0.46 26.15 42.53
C VAL C 16 1.73 26.97 42.67
N GLU C 17 2.81 26.35 43.14
CA GLU C 17 4.06 27.09 43.32
C GLU C 17 4.63 27.54 41.98
N GLN C 18 4.61 26.67 40.97
CA GLN C 18 5.04 27.08 39.64
C GLN C 18 4.11 28.15 39.07
N LEU C 19 2.82 28.07 39.39
CA LEU C 19 1.87 29.05 38.88
C LEU C 19 2.04 30.39 39.58
N LYS C 20 2.41 30.37 40.86
CA LYS C 20 2.66 31.62 41.57
C LYS C 20 3.88 32.34 41.03
N MET C 21 4.96 31.60 40.75
CA MET C 21 6.17 32.21 40.21
C MET C 21 5.95 32.70 38.78
N GLU C 22 5.07 32.02 38.03
CA GLU C 22 4.84 32.40 36.64
C GLU C 22 3.90 33.60 36.55
N ALA C 23 3.07 33.82 37.57
CA ALA C 23 2.11 34.93 37.51
C ALA C 23 2.80 36.28 37.56
N ASN C 24 3.80 36.43 38.44
CA ASN C 24 4.49 37.71 38.64
C ASN C 24 5.63 37.84 37.64
N ILE C 25 5.27 38.19 36.41
CA ILE C 25 6.25 38.47 35.36
C ILE C 25 5.81 39.73 34.62
N ASP C 26 6.78 40.37 33.97
CA ASP C 26 6.53 41.58 33.20
C ASP C 26 6.14 41.21 31.78
N ARG C 27 5.02 41.78 31.31
CA ARG C 27 4.52 41.54 29.96
C ARG C 27 4.34 42.89 29.27
N ILE C 28 4.93 43.02 28.08
CA ILE C 28 4.87 44.27 27.32
C ILE C 28 3.59 44.29 26.50
N LYS C 29 3.20 45.49 26.07
CA LYS C 29 1.99 45.64 25.27
C LYS C 29 2.18 44.97 23.91
N VAL C 30 1.06 44.53 23.34
CA VAL C 30 1.09 43.86 22.04
C VAL C 30 1.54 44.79 20.92
N SER C 31 1.33 46.10 21.09
CA SER C 31 1.73 47.05 20.05
C SER C 31 3.24 47.07 19.88
N LYS C 32 3.98 47.08 20.99
CA LYS C 32 5.44 47.11 20.90
C LYS C 32 5.99 45.78 20.40
N ALA C 33 5.35 44.67 20.79
CA ALA C 33 5.81 43.35 20.34
C ALA C 33 5.65 43.22 18.82
N ALA C 34 4.55 43.73 18.27
CA ALA C 34 4.37 43.68 16.83
C ALA C 34 5.36 44.62 16.13
N ALA C 35 5.57 45.80 16.69
CA ALA C 35 6.51 46.75 16.08
C ALA C 35 7.92 46.18 16.05
N ASP C 36 8.33 45.49 17.12
CA ASP C 36 9.64 44.85 17.11
C ASP C 36 9.67 43.68 16.12
N LEU C 37 8.52 43.03 15.92
CA LEU C 37 8.46 41.91 14.98
C LEU C 37 8.66 42.38 13.55
N MET C 38 7.97 43.46 13.16
CA MET C 38 8.11 43.96 11.79
C MET C 38 9.47 44.61 11.58
N ALA C 39 10.10 45.12 12.64
CA ALA C 39 11.41 45.74 12.50
C ALA C 39 12.47 44.72 12.09
N TYR C 40 12.35 43.49 12.58
CA TYR C 40 13.33 42.46 12.24
C TYR C 40 13.18 42.04 10.78
N CYS C 41 11.95 41.94 10.28
CA CYS C 41 11.74 41.51 8.91
C CYS C 41 12.17 42.57 7.91
N GLU C 42 11.86 43.84 8.19
CA GLU C 42 12.18 44.92 7.27
C GLU C 42 13.68 45.15 7.13
N ALA C 43 14.46 44.78 8.14
CA ALA C 43 15.90 45.02 8.12
C ALA C 43 16.67 43.89 7.42
N HIS C 44 16.18 42.65 7.55
CA HIS C 44 16.84 41.49 6.97
C HIS C 44 16.10 40.93 5.77
N ALA C 45 15.15 41.67 5.22
CA ALA C 45 14.41 41.18 4.05
C ALA C 45 15.33 41.02 2.84
N LYS C 46 16.42 41.78 2.78
CA LYS C 46 17.33 41.68 1.65
C LYS C 46 18.13 40.37 1.68
N GLU C 47 18.40 39.84 2.86
CA GLU C 47 19.15 38.61 3.02
C GLU C 47 18.25 37.39 3.24
N ASP C 48 17.05 37.40 2.67
CA ASP C 48 16.12 36.29 2.78
C ASP C 48 16.06 35.55 1.44
N PRO C 49 16.79 34.45 1.27
CA PRO C 49 16.74 33.74 -0.01
C PRO C 49 15.38 33.11 -0.31
N LEU C 50 14.64 32.70 0.71
CA LEU C 50 13.34 32.09 0.48
C LEU C 50 12.28 33.12 0.10
N LEU C 51 12.46 34.38 0.52
CA LEU C 51 11.46 35.39 0.22
C LEU C 51 11.48 35.77 -1.25
N THR C 52 12.65 36.09 -1.79
CA THR C 52 12.79 36.49 -3.18
C THR C 52 13.63 35.46 -3.91
N PRO C 53 13.19 34.98 -5.09
CA PRO C 53 13.98 33.98 -5.83
C PRO C 53 15.30 34.54 -6.31
N VAL C 54 16.40 34.00 -5.79
CA VAL C 54 17.74 34.45 -6.16
C VAL C 54 18.03 34.03 -7.60
N PRO C 55 18.88 34.75 -8.32
CA PRO C 55 19.20 34.34 -9.70
C PRO C 55 19.90 32.99 -9.73
N ALA C 56 19.81 32.32 -10.88
CA ALA C 56 20.42 31.02 -11.06
C ALA C 56 21.95 31.13 -11.02
N SER C 57 22.60 29.97 -10.95
CA SER C 57 24.05 29.82 -10.92
C SER C 57 24.68 30.47 -9.70
N GLU C 58 23.88 30.89 -8.71
CA GLU C 58 24.40 31.48 -7.49
C GLU C 58 24.33 30.53 -6.30
N ASN C 59 23.70 29.37 -6.45
CA ASN C 59 23.54 28.41 -5.39
C ASN C 59 23.89 27.01 -5.87
N PRO C 60 24.37 26.14 -4.98
CA PRO C 60 24.66 24.76 -5.36
C PRO C 60 23.44 23.88 -5.59
N PHE C 61 22.24 24.44 -5.54
CA PHE C 61 21.01 23.70 -5.77
C PHE C 61 20.53 23.78 -7.21
N ARG C 62 21.46 23.90 -8.15
CA ARG C 62 21.11 23.98 -9.57
C ARG C 62 20.50 22.68 -10.07
N GLN D 1 -8.05 27.61 26.27
CA GLN D 1 -7.63 26.69 27.32
C GLN D 1 -8.58 25.50 27.41
N VAL D 2 -8.05 24.31 27.10
CA VAL D 2 -8.84 23.08 27.17
C VAL D 2 -9.08 22.74 28.63
N GLN D 3 -10.35 22.66 29.02
CA GLN D 3 -10.71 22.33 30.40
C GLN D 3 -12.10 21.72 30.41
N LEU D 4 -12.28 20.69 31.23
CA LEU D 4 -13.54 19.98 31.34
C LEU D 4 -13.95 19.92 32.80
N GLN D 5 -15.15 20.39 33.10
CA GLN D 5 -15.72 20.37 34.45
C GLN D 5 -17.03 19.62 34.44
N GLU D 6 -17.22 18.76 35.43
CA GLU D 6 -18.42 17.94 35.54
C GLU D 6 -19.24 18.36 36.75
N SER D 7 -20.54 18.11 36.68
CA SER D 7 -21.45 18.46 37.76
C SER D 7 -22.27 17.25 38.20
N GLY D 8 -23.25 17.47 39.07
CA GLY D 8 -24.08 16.39 39.56
C GLY D 8 -23.36 15.52 40.56
N GLY D 9 -23.90 14.32 40.74
CA GLY D 9 -23.33 13.35 41.65
C GLY D 9 -23.86 13.50 43.07
N GLY D 10 -23.15 12.86 43.99
CA GLY D 10 -23.49 12.89 45.39
C GLY D 10 -24.05 11.56 45.87
N LEU D 11 -24.48 11.55 47.13
CA LEU D 11 -25.05 10.35 47.72
C LEU D 11 -26.45 10.12 47.16
N VAL D 12 -26.64 8.99 46.49
CA VAL D 12 -27.91 8.62 45.88
C VAL D 12 -28.36 7.28 46.46
N GLN D 13 -29.67 7.14 46.65
CA GLN D 13 -30.22 5.90 47.16
C GLN D 13 -30.28 4.86 46.03
N PRO D 14 -30.23 3.57 46.38
CA PRO D 14 -30.34 2.52 45.36
C PRO D 14 -31.67 2.61 44.62
N GLY D 15 -31.60 2.48 43.29
CA GLY D 15 -32.77 2.59 42.45
C GLY D 15 -33.14 4.00 42.05
N GLY D 16 -32.34 5.00 42.44
CA GLY D 16 -32.62 6.39 42.10
C GLY D 16 -31.79 6.85 40.91
N SER D 17 -32.47 7.44 39.94
CA SER D 17 -31.79 7.93 38.75
C SER D 17 -30.99 9.18 39.05
N LEU D 18 -29.85 9.31 38.38
CA LEU D 18 -28.97 10.46 38.54
C LEU D 18 -28.45 10.88 37.16
N ARG D 19 -28.19 12.18 37.02
CA ARG D 19 -27.69 12.75 35.78
C ARG D 19 -26.36 13.45 36.02
N LEU D 20 -25.51 13.44 35.00
CA LEU D 20 -24.20 14.07 35.05
C LEU D 20 -24.05 15.00 33.85
N SER D 21 -23.13 15.96 33.99
CA SER D 21 -22.85 16.94 32.95
C SER D 21 -21.36 16.99 32.69
N CYS D 22 -20.99 17.57 31.54
CA CYS D 22 -19.57 17.75 31.20
C CYS D 22 -19.47 19.02 30.36
N ALA D 23 -19.14 20.13 31.01
CA ALA D 23 -18.99 21.41 30.33
C ALA D 23 -17.60 21.52 29.73
N ALA D 24 -17.54 21.75 28.42
CA ALA D 24 -16.28 21.84 27.70
C ALA D 24 -16.08 23.24 27.15
N SER D 25 -14.84 23.72 27.23
CA SER D 25 -14.48 25.05 26.74
C SER D 25 -13.06 25.03 26.22
N GLY D 26 -12.74 26.01 25.38
CA GLY D 26 -11.43 26.14 24.80
C GLY D 26 -11.21 25.37 23.52
N PHE D 27 -12.23 24.70 22.99
CA PHE D 27 -12.10 23.96 21.74
C PHE D 27 -13.48 23.77 21.14
N THR D 28 -13.50 23.21 19.94
CA THR D 28 -14.75 22.92 19.24
C THR D 28 -15.36 21.64 19.80
N PHE D 29 -16.51 21.78 20.47
CA PHE D 29 -17.15 20.64 21.11
C PHE D 29 -17.67 19.63 20.09
N SER D 30 -17.97 20.06 18.87
CA SER D 30 -18.60 19.18 17.90
C SER D 30 -17.60 18.29 17.17
N ASN D 31 -16.31 18.67 17.15
CA ASN D 31 -15.31 18.00 16.34
C ASN D 31 -14.47 17.00 17.15
N TYR D 32 -15.05 16.39 18.18
CA TYR D 32 -14.33 15.42 18.98
C TYR D 32 -15.30 14.35 19.48
N LYS D 33 -14.76 13.15 19.69
CA LYS D 33 -15.53 12.03 20.23
C LYS D 33 -15.28 11.96 21.73
N MET D 34 -16.30 12.32 22.51
CA MET D 34 -16.17 12.38 23.96
C MET D 34 -16.56 11.06 24.59
N ASN D 35 -15.87 10.72 25.68
CA ASN D 35 -16.03 9.42 26.33
C ASN D 35 -16.10 9.61 27.84
N TRP D 36 -16.51 8.55 28.53
CA TRP D 36 -16.57 8.51 29.98
C TRP D 36 -15.74 7.35 30.51
N VAL D 37 -15.25 7.51 31.74
CA VAL D 37 -14.52 6.45 32.43
C VAL D 37 -14.95 6.49 33.89
N ARG D 38 -14.75 5.38 34.60
CA ARG D 38 -15.03 5.30 36.02
C ARG D 38 -13.81 4.74 36.75
N GLN D 39 -13.67 5.11 38.01
CA GLN D 39 -12.56 4.68 38.86
C GLN D 39 -13.12 4.12 40.16
N ALA D 40 -13.31 2.81 40.20
CA ALA D 40 -13.84 2.18 41.41
C ALA D 40 -12.78 2.21 42.51
N PRO D 41 -13.18 2.37 43.77
CA PRO D 41 -12.21 2.37 44.87
C PRO D 41 -11.46 1.04 44.94
N GLY D 42 -10.13 1.12 45.08
CA GLY D 42 -9.31 -0.06 45.08
C GLY D 42 -9.21 -0.76 43.75
N LYS D 43 -9.62 -0.12 42.66
CA LYS D 43 -9.56 -0.71 41.33
C LYS D 43 -9.02 0.34 40.37
N GLY D 44 -8.84 -0.09 39.11
CA GLY D 44 -8.35 0.80 38.07
C GLY D 44 -9.48 1.46 37.31
N LEU D 45 -9.09 2.27 36.31
CA LEU D 45 -10.06 2.96 35.49
C LEU D 45 -10.77 1.99 34.55
N GLU D 46 -12.04 2.28 34.27
CA GLU D 46 -12.87 1.41 33.45
C GLU D 46 -13.75 2.27 32.54
N TRP D 47 -13.75 1.96 31.26
CA TRP D 47 -14.55 2.70 30.30
C TRP D 47 -16.04 2.49 30.57
N VAL D 48 -16.83 3.54 30.34
CA VAL D 48 -18.25 3.50 30.64
C VAL D 48 -19.07 3.71 29.36
N SER D 49 -18.84 4.82 28.68
CA SER D 49 -19.65 5.16 27.51
C SER D 49 -18.84 6.09 26.61
N ASP D 50 -19.40 6.37 25.43
CA ASP D 50 -18.82 7.33 24.50
C ASP D 50 -19.91 7.75 23.52
N ILE D 51 -19.58 8.72 22.68
CA ILE D 51 -20.52 9.23 21.68
C ILE D 51 -19.72 9.86 20.55
N SER D 52 -20.19 9.67 19.32
CA SER D 52 -19.50 10.16 18.14
C SER D 52 -19.69 11.68 18.01
N GLN D 53 -19.22 12.23 16.90
CA GLN D 53 -19.32 13.68 16.69
C GLN D 53 -20.78 14.11 16.60
N SER D 54 -21.51 13.56 15.62
CA SER D 54 -22.92 13.91 15.48
C SER D 54 -23.77 13.23 16.53
N GLY D 55 -23.47 11.97 16.86
CA GLY D 55 -24.23 11.24 17.85
C GLY D 55 -24.77 9.93 17.32
N ALA D 56 -24.36 9.55 16.11
CA ALA D 56 -24.86 8.32 15.51
C ALA D 56 -24.20 7.10 16.15
N SER D 57 -22.87 7.12 16.28
CA SER D 57 -22.13 5.99 16.85
C SER D 57 -22.09 6.17 18.37
N ILE D 58 -22.94 5.43 19.07
CA ILE D 58 -23.01 5.45 20.52
C ILE D 58 -22.91 4.02 21.03
N SER D 59 -21.96 3.82 21.95
CA SER D 59 -21.74 2.50 22.57
C SER D 59 -21.81 2.68 24.09
N TYR D 60 -22.09 1.61 24.84
CA TYR D 60 -22.04 1.73 26.31
C TYR D 60 -21.30 0.51 26.84
N THR D 61 -20.87 0.51 28.09
CA THR D 61 -20.23 -0.70 28.68
C THR D 61 -21.24 -1.83 28.81
N GLY D 62 -20.81 -3.06 28.58
CA GLY D 62 -21.72 -4.20 28.73
C GLY D 62 -22.19 -4.30 30.16
N SER D 63 -21.35 -3.91 31.11
CA SER D 63 -21.72 -4.11 32.52
C SER D 63 -23.05 -3.40 32.81
N VAL D 64 -23.25 -2.19 32.30
CA VAL D 64 -24.57 -1.52 32.46
C VAL D 64 -24.98 -0.89 31.12
N LYS D 65 -25.16 -1.70 30.07
CA LYS D 65 -25.47 -1.10 28.76
C LYS D 65 -26.86 -0.46 28.77
N GLY D 66 -27.86 -1.16 29.30
CA GLY D 66 -29.24 -0.64 29.21
C GLY D 66 -29.56 0.57 30.07
N ARG D 67 -29.19 0.56 31.34
CA ARG D 67 -29.62 1.66 32.26
C ARG D 67 -29.00 3.01 31.89
N PHE D 68 -27.71 3.05 31.56
CA PHE D 68 -27.03 4.33 31.29
C PHE D 68 -27.51 4.91 29.95
N THR D 69 -27.53 6.24 29.82
CA THR D 69 -27.97 6.91 28.58
C THR D 69 -27.12 8.16 28.38
N ILE D 70 -26.47 8.30 27.23
CA ILE D 70 -25.58 9.43 26.98
C ILE D 70 -26.19 10.31 25.89
N SER D 71 -25.88 11.61 25.96
CA SER D 71 -26.34 12.57 24.97
C SER D 71 -25.38 13.75 24.96
N ARG D 72 -25.41 14.52 23.87
CA ARG D 72 -24.56 15.68 23.74
C ARG D 72 -25.29 16.77 22.96
N ASP D 73 -24.91 18.02 23.24
CA ASP D 73 -25.46 19.19 22.56
C ASP D 73 -24.30 20.00 22.01
N ASN D 74 -24.12 19.96 20.69
CA ASN D 74 -22.98 20.63 20.07
C ASN D 74 -23.14 22.15 20.09
N ALA D 75 -24.39 22.64 20.01
CA ALA D 75 -24.61 24.07 19.98
C ALA D 75 -24.29 24.71 21.34
N LYS D 76 -24.70 24.07 22.42
CA LYS D 76 -24.47 24.61 23.76
C LYS D 76 -23.11 24.22 24.32
N ASN D 77 -22.39 23.30 23.67
CA ASN D 77 -21.07 22.84 24.10
C ASN D 77 -21.15 22.22 25.49
N THR D 78 -22.12 21.33 25.67
CA THR D 78 -22.31 20.63 26.93
C THR D 78 -22.82 19.23 26.65
N LEU D 79 -22.29 18.26 27.40
CA LEU D 79 -22.66 16.86 27.25
C LEU D 79 -23.30 16.35 28.54
N TYR D 80 -24.23 15.42 28.39
CA TYR D 80 -25.02 14.91 29.51
C TYR D 80 -24.98 13.39 29.52
N LEU D 81 -24.78 12.81 30.71
CA LEU D 81 -24.79 11.36 30.90
C LEU D 81 -25.89 11.03 31.90
N GLN D 82 -26.86 10.24 31.49
CA GLN D 82 -28.02 9.89 32.30
C GLN D 82 -27.87 8.46 32.80
N MET D 83 -28.03 8.27 34.10
CA MET D 83 -27.92 6.97 34.75
C MET D 83 -29.20 6.68 35.52
N ASN D 84 -29.79 5.52 35.29
CA ASN D 84 -31.02 5.09 35.94
C ASN D 84 -30.77 3.86 36.80
N SER D 85 -31.37 3.85 37.99
CA SER D 85 -31.32 2.70 38.90
C SER D 85 -29.87 2.31 39.21
N LEU D 86 -29.17 3.22 39.88
CA LEU D 86 -27.77 2.99 40.20
C LEU D 86 -27.60 1.81 41.15
N LYS D 87 -26.57 1.00 40.91
CA LYS D 87 -26.24 -0.16 41.72
C LYS D 87 -24.96 0.08 42.51
N PRO D 88 -24.75 -0.68 43.61
CA PRO D 88 -23.51 -0.53 44.39
C PRO D 88 -22.24 -0.75 43.58
N GLU D 89 -22.33 -1.49 42.48
CA GLU D 89 -21.16 -1.66 41.62
C GLU D 89 -20.74 -0.38 40.92
N ASP D 90 -21.59 0.64 40.92
CA ASP D 90 -21.33 1.89 40.20
C ASP D 90 -20.82 3.00 41.10
N THR D 91 -20.40 2.70 42.32
CA THR D 91 -19.85 3.73 43.21
C THR D 91 -18.43 4.10 42.81
N ALA D 92 -18.30 4.81 41.68
CA ALA D 92 -17.01 5.20 41.17
C ALA D 92 -17.07 6.65 40.69
N VAL D 93 -15.92 7.33 40.76
CA VAL D 93 -15.84 8.69 40.27
C VAL D 93 -15.77 8.66 38.75
N TYR D 94 -16.61 9.47 38.10
CA TYR D 94 -16.69 9.52 36.65
C TYR D 94 -15.88 10.71 36.13
N TYR D 95 -14.98 10.44 35.18
CA TYR D 95 -14.16 11.46 34.57
C TYR D 95 -14.59 11.67 33.13
N CYS D 96 -14.76 12.93 32.74
CA CYS D 96 -15.06 13.27 31.36
C CYS D 96 -13.76 13.34 30.57
N ALA D 97 -13.58 12.41 29.64
CA ALA D 97 -12.40 12.34 28.79
C ALA D 97 -12.71 12.98 27.45
N ARG D 98 -11.67 13.10 26.63
CA ARG D 98 -11.79 13.85 25.37
C ARG D 98 -10.77 13.28 24.40
N CYS D 99 -11.22 12.90 23.24
CA CYS D 99 -10.30 12.23 22.36
C CYS D 99 -9.39 13.24 21.66
N PRO D 100 -8.08 12.99 21.63
CA PRO D 100 -7.14 14.02 21.20
C PRO D 100 -7.20 14.31 19.71
N ALA D 101 -6.97 13.30 18.89
CA ALA D 101 -6.99 13.46 17.44
C ALA D 101 -8.43 13.62 16.95
N PRO D 102 -8.76 14.71 16.28
CA PRO D 102 -10.14 14.90 15.81
C PRO D 102 -10.41 14.17 14.50
N PHE D 103 -11.71 13.98 14.23
CA PHE D 103 -12.18 13.31 13.02
C PHE D 103 -11.59 11.91 12.90
N THR D 104 -11.63 11.16 14.01
CA THR D 104 -11.10 9.81 14.07
C THR D 104 -12.16 8.85 14.58
N ARG D 105 -12.27 7.69 13.93
CA ARG D 105 -13.18 6.65 14.40
C ARG D 105 -12.64 5.94 15.63
N ASP D 106 -11.32 5.81 15.74
CA ASP D 106 -10.67 5.19 16.87
C ASP D 106 -10.47 6.21 18.01
N CYS D 107 -10.09 5.69 19.17
CA CYS D 107 -9.70 6.56 20.28
C CYS D 107 -8.81 5.77 21.23
N PHE D 108 -7.55 6.21 21.36
CA PHE D 108 -6.59 5.58 22.24
C PHE D 108 -6.58 6.30 23.59
N ASP D 109 -6.15 5.57 24.63
CA ASP D 109 -5.79 6.15 25.93
C ASP D 109 -6.99 6.83 26.60
N VAL D 110 -8.17 6.20 26.53
CA VAL D 110 -9.33 6.76 27.20
C VAL D 110 -9.23 6.52 28.71
N THR D 111 -8.80 5.33 29.11
CA THR D 111 -8.78 4.92 30.51
C THR D 111 -7.39 4.97 31.13
N SER D 112 -6.50 5.81 30.60
CA SER D 112 -5.16 5.93 31.16
C SER D 112 -5.20 6.60 32.52
N THR D 113 -4.33 6.14 33.43
CA THR D 113 -4.33 6.66 34.80
C THR D 113 -3.98 8.15 34.83
N THR D 114 -3.10 8.59 33.94
CA THR D 114 -2.72 10.00 33.83
C THR D 114 -3.07 10.49 32.42
N TYR D 115 -4.01 11.42 32.33
CA TYR D 115 -4.51 11.91 31.06
C TYR D 115 -4.68 13.42 31.12
N ALA D 116 -4.25 14.11 30.06
CA ALA D 116 -4.33 15.57 30.04
C ALA D 116 -5.73 16.04 29.72
N TYR D 117 -6.33 15.53 28.63
CA TYR D 117 -7.65 15.98 28.19
C TYR D 117 -8.75 15.23 28.93
N ARG D 118 -8.75 15.39 30.26
CA ARG D 118 -9.73 14.72 31.10
C ARG D 118 -9.96 15.57 32.35
N GLY D 119 -11.22 15.82 32.66
CA GLY D 119 -11.58 16.63 33.80
C GLY D 119 -11.49 15.88 35.12
N GLN D 120 -12.06 16.47 36.15
CA GLN D 120 -12.03 15.91 37.49
C GLN D 120 -13.07 14.80 37.62
N GLY D 121 -13.10 14.18 38.79
CA GLY D 121 -14.00 13.08 39.06
C GLY D 121 -15.19 13.52 39.89
N THR D 122 -16.39 13.19 39.39
CA THR D 122 -17.62 13.47 40.10
C THR D 122 -18.01 12.23 40.90
N GLN D 123 -17.93 12.33 42.23
CA GLN D 123 -18.19 11.20 43.09
C GLN D 123 -19.68 10.83 43.06
N VAL D 124 -19.95 9.54 42.84
CA VAL D 124 -21.31 9.01 42.82
C VAL D 124 -21.32 7.84 43.79
N THR D 125 -21.73 8.08 45.03
CA THR D 125 -21.79 7.04 46.05
C THR D 125 -23.18 6.44 46.08
N VAL D 126 -23.26 5.12 45.87
CA VAL D 126 -24.53 4.40 45.91
C VAL D 126 -24.55 3.59 47.19
N SER D 127 -25.31 4.04 48.18
CA SER D 127 -25.38 3.36 49.47
C SER D 127 -26.73 3.66 50.11
N SER D 128 -27.07 2.86 51.11
CA SER D 128 -28.33 3.01 51.83
C SER D 128 -28.30 4.26 52.72
N LYS E 1 -1.56 -30.01 -41.60
CA LYS E 1 -2.09 -28.69 -41.27
C LYS E 1 -2.24 -28.52 -39.76
N CYS E 2 -2.14 -27.28 -39.29
CA CYS E 2 -2.29 -26.96 -37.87
C CYS E 2 -3.63 -26.29 -37.66
N ASN E 3 -4.35 -26.70 -36.62
CA ASN E 3 -5.64 -26.13 -36.27
C ASN E 3 -5.65 -25.51 -34.88
N THR E 4 -4.52 -25.51 -34.17
CA THR E 4 -4.45 -24.92 -32.85
C THR E 4 -4.71 -23.42 -32.92
N ALA E 5 -5.24 -22.87 -31.83
CA ALA E 5 -5.54 -21.43 -31.78
C ALA E 5 -4.28 -20.57 -31.83
N THR E 6 -3.11 -21.15 -31.56
CA THR E 6 -1.88 -20.38 -31.61
C THR E 6 -1.52 -20.00 -33.05
N CYS E 7 -1.67 -20.94 -33.98
CA CYS E 7 -1.38 -20.69 -35.40
C CYS E 7 -2.65 -20.26 -36.12
N ALA E 8 -3.22 -19.16 -35.61
CA ALA E 8 -4.43 -18.57 -36.19
C ALA E 8 -4.15 -17.37 -37.07
N THR E 9 -3.18 -16.53 -36.71
CA THR E 9 -2.83 -15.40 -37.56
C THR E 9 -2.11 -15.86 -38.82
N GLN E 10 -1.28 -16.91 -38.71
CA GLN E 10 -0.57 -17.43 -39.87
C GLN E 10 -1.54 -17.99 -40.90
N ARG E 11 -2.63 -18.61 -40.45
CA ARG E 11 -3.63 -19.13 -41.38
C ARG E 11 -4.44 -18.04 -42.05
N LEU E 12 -4.42 -16.81 -41.52
CA LEU E 12 -5.09 -15.69 -42.16
C LEU E 12 -4.23 -15.08 -43.26
N ALA E 13 -2.93 -14.91 -42.99
CA ALA E 13 -2.04 -14.34 -44.00
C ALA E 13 -1.84 -15.29 -45.17
N ASN E 14 -1.77 -16.60 -44.89
CA ASN E 14 -1.57 -17.57 -45.95
C ASN E 14 -2.76 -17.60 -46.90
N PHE E 15 -3.97 -17.47 -46.36
CA PHE E 15 -5.15 -17.44 -47.21
C PHE E 15 -5.19 -16.18 -48.07
N LEU E 16 -4.71 -15.06 -47.52
CA LEU E 16 -4.74 -13.81 -48.25
C LEU E 16 -3.75 -13.80 -49.41
N VAL E 17 -2.54 -14.33 -49.19
CA VAL E 17 -1.52 -14.29 -50.23
C VAL E 17 -1.82 -15.31 -51.31
N ARG E 18 -2.40 -16.45 -50.95
CA ARG E 18 -2.67 -17.51 -51.93
C ARG E 18 -3.97 -17.26 -52.68
N SER E 19 -5.09 -17.19 -51.95
CA SER E 19 -6.38 -17.04 -52.60
C SER E 19 -6.54 -15.66 -53.21
N SER E 20 -6.38 -14.62 -52.41
CA SER E 20 -6.53 -13.26 -52.92
C SER E 20 -5.29 -12.82 -53.68
N ASN E 21 -5.49 -11.94 -54.67
CA ASN E 21 -4.42 -11.40 -55.48
C ASN E 21 -3.82 -10.19 -54.77
N ASN E 22 -2.89 -10.49 -53.86
CA ASN E 22 -2.17 -9.52 -53.03
C ASN E 22 -3.09 -8.38 -52.58
N LEU E 23 -4.20 -8.76 -51.93
CA LEU E 23 -5.17 -7.82 -51.39
C LEU E 23 -5.77 -6.95 -52.50
N GLY E 24 -6.09 -7.59 -53.61
CA GLY E 24 -6.66 -6.90 -54.75
C GLY E 24 -7.69 -7.75 -55.47
N PRO E 25 -8.27 -7.20 -56.55
CA PRO E 25 -9.21 -7.99 -57.36
C PRO E 25 -8.56 -9.25 -57.91
N VAL E 26 -9.37 -10.29 -58.14
CA VAL E 26 -8.88 -11.60 -58.55
C VAL E 26 -9.61 -12.01 -59.81
N LEU E 27 -8.90 -12.77 -60.65
CA LEU E 27 -9.55 -13.39 -61.81
C LEU E 27 -10.69 -14.28 -61.32
N PRO E 28 -11.82 -14.29 -62.01
CA PRO E 28 -12.95 -15.14 -61.59
C PRO E 28 -12.51 -16.59 -61.45
N PRO E 29 -13.14 -17.34 -60.53
CA PRO E 29 -12.70 -18.73 -60.28
C PRO E 29 -12.70 -19.59 -61.54
N THR E 30 -11.71 -20.48 -61.63
CA THR E 30 -11.58 -21.35 -62.80
C THR E 30 -12.86 -22.14 -63.04
N ASN E 31 -13.20 -22.32 -64.31
CA ASN E 31 -14.42 -23.03 -64.67
C ASN E 31 -14.38 -24.46 -64.16
N VAL E 32 -15.39 -24.83 -63.37
CA VAL E 32 -15.49 -26.16 -62.78
C VAL E 32 -16.69 -26.92 -63.34
N GLY E 33 -17.33 -26.38 -64.38
CA GLY E 33 -18.48 -27.02 -64.97
C GLY E 33 -18.20 -28.34 -65.65
N SER E 34 -19.20 -28.91 -66.33
CA SER E 34 -19.04 -30.19 -67.00
C SER E 34 -18.01 -30.11 -68.11
N ASN E 35 -17.87 -28.95 -68.75
CA ASN E 35 -16.88 -28.80 -69.82
C ASN E 35 -15.47 -29.01 -69.29
N THR E 36 -15.20 -28.55 -68.06
CA THR E 36 -13.90 -28.74 -67.44
C THR E 36 -13.99 -29.79 -66.34
N TYR E 37 -14.03 -31.06 -66.74
CA TYR E 37 -14.08 -32.22 -65.80
C TYR E 37 -15.33 -32.08 -64.94
N TYR F 49 -1.36 -20.92 -60.87
CA TYR F 49 -1.79 -21.15 -62.24
C TYR F 49 -0.73 -21.92 -63.03
N VAL F 50 0.43 -21.32 -63.25
CA VAL F 50 1.52 -22.02 -63.92
C VAL F 50 2.34 -22.83 -62.91
N VAL F 51 2.35 -22.39 -61.65
CA VAL F 51 3.04 -23.16 -60.61
C VAL F 51 2.31 -24.46 -60.34
N GLY F 52 0.98 -24.42 -60.35
CA GLY F 52 0.21 -25.65 -60.23
C GLY F 52 0.41 -26.57 -61.41
N ARG F 53 0.68 -26.00 -62.59
CA ARG F 53 0.91 -26.81 -63.78
C ARG F 53 2.13 -27.71 -63.59
N LYS F 54 3.19 -27.20 -62.96
CA LYS F 54 4.31 -28.07 -62.60
C LYS F 54 3.91 -29.07 -61.53
N LYS F 55 3.04 -28.67 -60.61
CA LYS F 55 2.56 -29.58 -59.59
C LYS F 55 1.62 -30.64 -60.17
N MET F 56 0.97 -30.34 -61.29
CA MET F 56 0.09 -31.31 -61.93
C MET F 56 0.86 -32.56 -62.33
N MET F 57 2.02 -32.40 -62.95
CA MET F 57 2.81 -33.56 -63.37
C MET F 57 3.31 -34.35 -62.18
N ASP F 58 3.77 -33.65 -61.12
CA ASP F 58 4.30 -34.34 -59.95
C ASP F 58 3.21 -35.15 -59.25
N ALA F 59 2.03 -34.55 -59.08
CA ALA F 59 0.93 -35.27 -58.44
C ALA F 59 0.44 -36.42 -59.31
N GLN F 60 0.50 -36.26 -60.63
CA GLN F 60 0.06 -37.31 -61.54
C GLN F 60 0.91 -38.57 -61.38
N TYR F 61 2.23 -38.41 -61.42
CA TYR F 61 3.12 -39.56 -61.32
C TYR F 61 3.04 -40.21 -59.94
N LYS F 62 2.67 -39.42 -58.93
CA LYS F 62 2.55 -39.96 -57.58
C LYS F 62 1.53 -41.08 -57.51
N CYS F 63 0.31 -40.83 -57.99
CA CYS F 63 -0.74 -41.85 -57.94
C CYS F 63 -0.57 -42.92 -59.01
N TYR F 64 0.08 -42.61 -60.14
CA TYR F 64 0.16 -43.63 -61.18
C TYR F 64 0.91 -44.85 -60.67
N ASP F 65 1.82 -44.66 -59.71
CA ASP F 65 2.36 -45.78 -58.95
C ASP F 65 1.29 -46.40 -58.07
N ARG F 66 0.54 -45.57 -57.33
CA ARG F 66 -0.49 -46.10 -56.45
C ARG F 66 -1.66 -46.65 -57.26
N MET F 67 -1.91 -46.08 -58.44
CA MET F 67 -2.96 -46.60 -59.31
C MET F 67 -2.63 -48.02 -59.78
N GLN F 68 -1.34 -48.35 -59.87
CA GLN F 68 -0.95 -49.69 -60.31
C GLN F 68 -1.40 -50.75 -59.30
N GLN F 69 -1.45 -50.40 -58.03
CA GLN F 69 -1.88 -51.35 -57.00
C GLN F 69 -3.30 -51.81 -57.26
N LEU F 70 -3.66 -52.97 -56.69
CA LEU F 70 -4.98 -53.54 -56.90
C LEU F 70 -5.76 -53.59 -55.59
N PRO F 71 -6.31 -52.46 -55.10
CA PRO F 71 -7.21 -52.55 -53.95
C PRO F 71 -8.64 -52.87 -54.32
N ALA F 72 -8.85 -53.38 -55.55
CA ALA F 72 -10.14 -53.48 -56.24
C ALA F 72 -11.25 -53.85 -55.26
N TYR F 73 -11.18 -54.98 -54.57
CA TYR F 73 -12.29 -55.41 -53.72
C TYR F 73 -11.80 -56.42 -52.69
N GLN F 74 -12.53 -56.47 -51.56
CA GLN F 74 -12.36 -57.57 -50.62
C GLN F 74 -13.09 -58.81 -51.12
N GLY F 75 -14.27 -58.63 -51.70
CA GLY F 75 -15.01 -59.71 -52.31
C GLY F 75 -15.31 -59.43 -53.76
N GLU F 76 -15.16 -60.45 -54.61
CA GLU F 76 -15.33 -60.27 -56.05
C GLU F 76 -16.72 -59.76 -56.39
N GLY F 77 -16.79 -58.58 -57.01
CA GLY F 77 -18.04 -57.99 -57.40
C GLY F 77 -17.85 -56.81 -58.34
N PRO F 78 -18.95 -56.30 -58.89
CA PRO F 78 -18.87 -55.13 -59.77
C PRO F 78 -18.40 -53.90 -59.02
N TYR F 79 -17.46 -53.16 -59.62
CA TYR F 79 -16.89 -51.98 -58.99
C TYR F 79 -16.40 -51.03 -60.08
N CYS F 80 -16.52 -49.73 -59.82
CA CYS F 80 -15.99 -48.74 -60.75
C CYS F 80 -14.46 -48.81 -60.79
N ASN F 81 -13.90 -48.84 -62.00
CA ASN F 81 -12.48 -49.03 -62.16
C ASN F 81 -11.72 -47.73 -61.92
N ARG F 82 -10.43 -47.88 -61.66
CA ARG F 82 -9.57 -46.73 -61.43
C ARG F 82 -9.40 -45.93 -62.73
N THR F 83 -9.34 -44.61 -62.58
CA THR F 83 -9.18 -43.71 -63.72
C THR F 83 -8.25 -42.58 -63.31
N TRP F 84 -8.00 -41.67 -64.26
CA TRP F 84 -7.21 -40.48 -64.00
C TRP F 84 -7.97 -39.28 -64.55
N ASP F 85 -8.31 -38.35 -63.66
CA ASP F 85 -8.90 -37.08 -64.05
C ASP F 85 -7.82 -36.02 -64.08
N GLY F 86 -8.02 -35.02 -64.94
CA GLY F 86 -7.00 -33.99 -65.11
C GLY F 86 -6.62 -33.30 -63.81
N TRP F 87 -7.60 -33.15 -62.91
CA TRP F 87 -7.34 -32.43 -61.67
C TRP F 87 -6.77 -33.36 -60.59
N LEU F 88 -7.25 -34.59 -60.52
CA LEU F 88 -6.86 -35.46 -59.42
C LEU F 88 -6.98 -36.93 -59.80
N CYS F 89 -6.27 -37.75 -59.03
CA CYS F 89 -6.26 -39.20 -59.09
C CYS F 89 -7.49 -39.83 -58.44
N TRP F 90 -7.89 -40.98 -58.97
CA TRP F 90 -9.01 -41.75 -58.44
C TRP F 90 -8.66 -43.23 -58.39
N ASP F 91 -8.91 -43.86 -57.25
CA ASP F 91 -8.74 -45.29 -57.09
C ASP F 91 -10.06 -46.02 -57.42
N ASP F 92 -10.05 -47.34 -57.21
CA ASP F 92 -11.23 -48.15 -57.45
C ASP F 92 -12.25 -47.96 -56.34
N THR F 93 -13.53 -48.01 -56.72
CA THR F 93 -14.64 -47.89 -55.79
C THR F 93 -15.75 -48.83 -56.25
N PRO F 94 -16.56 -49.34 -55.32
CA PRO F 94 -17.68 -50.20 -55.71
C PRO F 94 -18.64 -49.48 -56.65
N ALA F 95 -19.41 -50.28 -57.38
CA ALA F 95 -20.39 -49.72 -58.32
C ALA F 95 -21.43 -48.90 -57.58
N GLY F 96 -21.60 -47.66 -58.01
CA GLY F 96 -22.55 -46.77 -57.37
C GLY F 96 -22.14 -46.33 -55.97
N VAL F 97 -20.84 -46.15 -55.75
CA VAL F 97 -20.30 -45.71 -54.47
C VAL F 97 -19.70 -44.32 -54.64
N LEU F 98 -20.08 -43.39 -53.77
CA LEU F 98 -19.63 -42.00 -53.85
C LEU F 98 -18.39 -41.78 -52.97
N SER F 99 -17.30 -42.42 -53.36
CA SER F 99 -16.05 -42.27 -52.62
C SER F 99 -15.48 -40.86 -52.80
N TYR F 100 -14.91 -40.31 -51.73
CA TYR F 100 -14.37 -38.96 -51.73
C TYR F 100 -12.94 -38.97 -51.22
N GLN F 101 -12.10 -38.13 -51.81
CA GLN F 101 -10.71 -37.97 -51.40
C GLN F 101 -10.36 -36.49 -51.31
N PHE F 102 -9.22 -36.22 -50.65
CA PHE F 102 -8.75 -34.87 -50.42
C PHE F 102 -8.60 -34.09 -51.74
N CYS F 103 -9.10 -32.87 -51.74
CA CYS F 103 -9.12 -32.07 -52.95
C CYS F 103 -7.76 -31.40 -53.18
N PRO F 104 -7.23 -31.46 -54.41
CA PRO F 104 -5.89 -30.89 -54.66
C PRO F 104 -5.89 -29.37 -54.71
N ASP F 105 -4.72 -28.78 -54.98
CA ASP F 105 -4.55 -27.33 -55.00
C ASP F 105 -3.92 -26.92 -56.33
N TYR F 106 -4.49 -27.45 -57.42
CA TYR F 106 -3.99 -27.11 -58.76
C TYR F 106 -4.14 -25.61 -59.03
N PHE F 107 -5.26 -25.04 -58.66
CA PHE F 107 -5.56 -23.63 -58.89
C PHE F 107 -5.77 -22.91 -57.57
N PRO F 108 -5.53 -21.60 -57.52
CA PRO F 108 -5.63 -20.88 -56.23
C PRO F 108 -7.02 -20.90 -55.61
N ASP F 109 -8.08 -21.02 -56.41
CA ASP F 109 -9.43 -20.99 -55.88
C ASP F 109 -9.83 -22.29 -55.20
N PHE F 110 -8.97 -23.29 -55.18
CA PHE F 110 -9.31 -24.58 -54.58
C PHE F 110 -9.01 -24.56 -53.09
N ASP F 111 -9.91 -25.16 -52.31
CA ASP F 111 -9.78 -25.21 -50.85
C ASP F 111 -9.29 -26.58 -50.42
N PRO F 112 -8.28 -26.64 -49.54
CA PRO F 112 -7.73 -27.94 -49.14
C PRO F 112 -8.66 -28.72 -48.22
N SER F 113 -9.40 -28.04 -47.34
CA SER F 113 -10.25 -28.75 -46.38
C SER F 113 -11.34 -29.54 -47.08
N GLU F 114 -11.93 -28.96 -48.13
CA GLU F 114 -12.98 -29.63 -48.89
C GLU F 114 -12.43 -30.86 -49.59
N LYS F 115 -13.34 -31.77 -49.98
CA LYS F 115 -12.97 -33.00 -50.65
C LYS F 115 -13.75 -33.14 -51.95
N VAL F 116 -13.17 -33.87 -52.90
CA VAL F 116 -13.80 -34.16 -54.17
C VAL F 116 -14.30 -35.60 -54.13
N THR F 117 -15.44 -35.85 -54.80
CA THR F 117 -16.13 -37.13 -54.70
C THR F 117 -16.24 -37.77 -56.08
N LYS F 118 -15.81 -39.02 -56.20
CA LYS F 118 -16.06 -39.80 -57.40
C LYS F 118 -17.53 -40.18 -57.46
N TYR F 119 -18.14 -39.99 -58.63
CA TYR F 119 -19.55 -40.25 -58.81
C TYR F 119 -19.73 -41.35 -59.86
N CYS F 120 -20.44 -42.42 -59.48
CA CYS F 120 -20.85 -43.47 -60.39
C CYS F 120 -22.37 -43.55 -60.41
N ASP F 121 -22.91 -44.07 -61.51
CA ASP F 121 -24.36 -44.21 -61.64
C ASP F 121 -24.92 -45.07 -60.52
N GLU F 122 -26.11 -44.69 -60.04
CA GLU F 122 -26.71 -45.37 -58.90
C GLU F 122 -27.03 -46.83 -59.23
N LYS F 123 -27.38 -47.12 -60.49
CA LYS F 123 -27.71 -48.48 -60.89
C LYS F 123 -26.47 -49.24 -61.33
N GLY F 124 -25.46 -49.22 -60.46
CA GLY F 124 -24.26 -50.01 -60.68
C GLY F 124 -23.59 -49.79 -62.02
N VAL F 125 -23.43 -48.53 -62.43
CA VAL F 125 -22.84 -48.20 -63.71
C VAL F 125 -21.99 -46.94 -63.58
N TRP F 126 -21.32 -46.60 -64.68
CA TRP F 126 -20.57 -45.35 -64.75
C TRP F 126 -21.52 -44.17 -64.95
N PHE F 127 -21.08 -43.00 -64.52
CA PHE F 127 -21.85 -41.77 -64.65
C PHE F 127 -21.18 -40.85 -65.66
N LYS F 128 -21.97 -40.36 -66.61
CA LYS F 128 -21.53 -39.34 -67.56
C LYS F 128 -22.43 -38.13 -67.37
N HIS F 129 -21.83 -36.97 -67.11
CA HIS F 129 -22.57 -35.75 -66.84
C HIS F 129 -23.59 -35.50 -67.96
N PRO F 130 -24.85 -35.26 -67.62
CA PRO F 130 -25.89 -35.20 -68.65
C PRO F 130 -25.65 -34.11 -69.69
N GLU F 131 -25.02 -33.00 -69.30
CA GLU F 131 -24.85 -31.89 -70.23
C GLU F 131 -23.79 -32.19 -71.27
N ASN F 132 -22.66 -32.78 -70.87
CA ASN F 132 -21.55 -33.02 -71.76
C ASN F 132 -21.30 -34.50 -72.07
N ASN F 133 -21.95 -35.41 -71.33
CA ASN F 133 -21.77 -36.85 -71.53
C ASN F 133 -20.30 -37.27 -71.36
N ARG F 134 -19.68 -36.81 -70.28
CA ARG F 134 -18.32 -37.19 -69.93
C ARG F 134 -18.21 -37.28 -68.42
N THR F 135 -17.16 -37.97 -67.97
CA THR F 135 -16.95 -38.21 -66.53
C THR F 135 -16.81 -36.89 -65.78
N TRP F 136 -17.52 -36.80 -64.65
CA TRP F 136 -17.51 -35.61 -63.81
C TRP F 136 -17.42 -36.01 -62.35
N SER F 137 -16.76 -35.17 -61.56
CA SER F 137 -16.62 -35.38 -60.13
C SER F 137 -16.96 -34.09 -59.40
N ASN F 138 -17.17 -34.21 -58.08
CA ASN F 138 -17.61 -33.08 -57.25
C ASN F 138 -16.42 -32.18 -56.94
N TYR F 139 -15.95 -31.48 -57.97
CA TYR F 139 -14.89 -30.49 -57.83
C TYR F 139 -15.43 -29.09 -57.56
N THR F 140 -16.74 -28.87 -57.69
CA THR F 140 -17.29 -27.53 -57.51
C THR F 140 -17.24 -27.09 -56.06
N MET F 141 -17.35 -28.03 -55.13
CA MET F 141 -17.33 -27.69 -53.70
C MET F 141 -15.96 -27.14 -53.29
N CYS F 142 -14.91 -27.53 -54.00
CA CYS F 142 -13.57 -27.05 -53.68
C CYS F 142 -13.47 -25.54 -53.83
N ASN F 143 -14.11 -24.98 -54.85
CA ASN F 143 -14.11 -23.55 -55.09
C ASN F 143 -15.50 -22.93 -54.94
N ALA F 144 -16.38 -23.56 -54.16
CA ALA F 144 -17.75 -23.04 -54.02
C ALA F 144 -17.77 -21.81 -53.12
N PHE F 145 -17.15 -21.90 -51.94
CA PHE F 145 -17.23 -20.84 -50.94
C PHE F 145 -16.03 -19.89 -51.01
N THR F 146 -15.31 -19.87 -52.13
CA THR F 146 -14.16 -18.97 -52.24
C THR F 146 -14.54 -17.49 -52.19
N PRO F 147 -15.56 -16.99 -52.91
CA PRO F 147 -15.89 -15.56 -52.78
C PRO F 147 -16.34 -15.18 -51.38
N GLU F 148 -17.13 -16.02 -50.72
CA GLU F 148 -17.57 -15.70 -49.36
C GLU F 148 -16.42 -15.76 -48.36
N LYS F 149 -15.55 -16.76 -48.50
CA LYS F 149 -14.40 -16.88 -47.61
C LYS F 149 -13.38 -15.78 -47.84
N LEU F 150 -13.40 -15.12 -48.99
CA LEU F 150 -12.47 -14.04 -49.28
C LEU F 150 -12.91 -12.71 -48.68
N LYS F 151 -14.21 -12.52 -48.44
CA LYS F 151 -14.70 -11.31 -47.81
C LYS F 151 -14.49 -11.34 -46.29
N ASN F 152 -14.73 -12.49 -45.66
CA ASN F 152 -14.49 -12.60 -44.23
C ASN F 152 -13.01 -12.47 -43.90
N ALA F 153 -12.15 -12.95 -44.80
CA ALA F 153 -10.71 -12.80 -44.59
C ALA F 153 -10.29 -11.34 -44.59
N TYR F 154 -10.95 -10.52 -45.40
CA TYR F 154 -10.67 -9.08 -45.39
C TYR F 154 -11.13 -8.45 -44.08
N VAL F 155 -12.23 -8.93 -43.52
CA VAL F 155 -12.70 -8.44 -42.22
C VAL F 155 -11.70 -8.83 -41.14
N LEU F 156 -11.20 -10.08 -41.19
CA LEU F 156 -10.19 -10.50 -40.24
C LEU F 156 -8.87 -9.75 -40.45
N TYR F 157 -8.61 -9.34 -41.69
CA TYR F 157 -7.40 -8.58 -41.97
C TYR F 157 -7.45 -7.20 -41.31
N TYR F 158 -8.57 -6.48 -41.50
CA TYR F 158 -8.68 -5.15 -40.90
C TYR F 158 -8.89 -5.25 -39.39
N LEU F 159 -9.49 -6.34 -38.92
CA LEU F 159 -9.58 -6.55 -37.47
C LEU F 159 -8.22 -6.78 -36.86
N ALA F 160 -7.28 -7.33 -37.63
CA ALA F 160 -5.92 -7.52 -37.14
C ALA F 160 -5.13 -6.22 -37.19
N ILE F 161 -5.32 -5.42 -38.24
CA ILE F 161 -4.57 -4.17 -38.36
C ILE F 161 -5.10 -3.13 -37.38
N VAL F 162 -6.36 -3.26 -36.94
CA VAL F 162 -6.89 -2.35 -35.93
C VAL F 162 -6.59 -2.88 -34.52
N GLY F 163 -6.66 -4.20 -34.34
CA GLY F 163 -6.38 -4.78 -33.04
C GLY F 163 -4.95 -4.52 -32.59
N HIS F 164 -4.00 -4.66 -33.51
CA HIS F 164 -2.60 -4.35 -33.19
C HIS F 164 -2.32 -2.85 -33.22
N SER F 165 -3.16 -2.06 -33.91
CA SER F 165 -3.02 -0.61 -33.82
C SER F 165 -3.51 -0.10 -32.47
N LEU F 166 -4.60 -0.65 -31.97
CA LEU F 166 -5.03 -0.37 -30.60
C LEU F 166 -4.44 -1.40 -29.64
N SER F 167 -3.13 -1.63 -29.81
CA SER F 167 -2.34 -2.43 -28.88
C SER F 167 -0.96 -1.84 -28.66
N ILE F 168 -0.61 -0.76 -29.34
CA ILE F 168 0.67 -0.09 -29.16
C ILE F 168 0.47 1.31 -28.57
N PHE F 169 -0.46 2.09 -29.11
CA PHE F 169 -0.76 3.40 -28.54
C PHE F 169 -1.30 3.27 -27.13
N THR F 170 -2.08 2.22 -26.86
CA THR F 170 -2.57 1.99 -25.51
C THR F 170 -1.45 1.52 -24.58
N LEU F 171 -0.44 0.85 -25.13
CA LEU F 171 0.63 0.29 -24.31
C LEU F 171 1.80 1.23 -24.11
N VAL F 172 2.06 2.15 -25.05
CA VAL F 172 3.15 3.09 -24.84
C VAL F 172 2.85 3.99 -23.65
N ILE F 173 1.57 4.29 -23.40
CA ILE F 173 1.21 5.00 -22.18
C ILE F 173 1.40 4.11 -20.97
N SER F 174 1.01 2.83 -21.08
CA SER F 174 1.19 1.90 -19.98
C SER F 174 2.66 1.68 -19.67
N LEU F 175 3.49 1.52 -20.72
CA LEU F 175 4.92 1.36 -20.50
C LEU F 175 5.55 2.66 -19.99
N GLY F 176 5.08 3.80 -20.51
CA GLY F 176 5.61 5.07 -20.05
C GLY F 176 5.23 5.38 -18.61
N ILE F 177 4.04 4.94 -18.19
CA ILE F 177 3.61 5.18 -16.82
C ILE F 177 4.46 4.37 -15.84
N PHE F 178 4.71 3.10 -16.16
CA PHE F 178 5.46 2.25 -15.25
C PHE F 178 6.93 2.65 -15.18
N VAL F 179 7.46 3.26 -16.23
CA VAL F 179 8.87 3.66 -16.27
C VAL F 179 9.07 5.02 -15.61
N PHE F 180 8.23 6.00 -15.96
CA PHE F 180 8.40 7.35 -15.42
C PHE F 180 8.08 7.41 -13.93
N PHE F 181 7.21 6.52 -13.44
CA PHE F 181 6.82 6.50 -12.04
C PHE F 181 7.65 5.45 -11.31
N ARG F 182 8.45 5.90 -10.34
CA ARG F 182 9.29 5.01 -9.55
C ARG F 182 8.58 4.49 -8.30
N SER F 183 7.40 5.00 -7.98
CA SER F 183 6.66 4.55 -6.81
C SER F 183 5.91 3.25 -7.03
N LEU F 184 5.86 2.76 -8.28
CA LEU F 184 5.19 1.51 -8.61
C LEU F 184 6.19 0.40 -8.89
N GLY F 185 7.35 0.45 -8.25
CA GLY F 185 8.39 -0.53 -8.49
C GLY F 185 8.28 -1.77 -7.63
N CYS F 186 8.06 -2.92 -8.25
CA CYS F 186 8.00 -4.21 -7.55
C CYS F 186 8.23 -5.31 -8.59
N GLN F 187 8.23 -6.54 -8.10
CA GLN F 187 8.44 -7.68 -9.00
C GLN F 187 7.26 -7.89 -9.93
N ARG F 188 6.05 -7.54 -9.49
CA ARG F 188 4.88 -7.69 -10.35
C ARG F 188 4.94 -6.74 -11.53
N VAL F 189 5.19 -5.45 -11.27
CA VAL F 189 5.26 -4.47 -12.34
C VAL F 189 6.49 -4.70 -13.20
N THR F 190 7.56 -5.24 -12.62
CA THR F 190 8.76 -5.55 -13.39
C THR F 190 8.46 -6.56 -14.50
N LEU F 191 7.65 -7.58 -14.19
CA LEU F 191 7.25 -8.53 -15.21
C LEU F 191 6.26 -7.90 -16.19
N HIS F 192 5.44 -6.97 -15.70
CA HIS F 192 4.49 -6.30 -16.59
C HIS F 192 5.19 -5.40 -17.60
N LYS F 193 6.30 -4.77 -17.20
CA LYS F 193 7.05 -3.94 -18.13
C LYS F 193 7.65 -4.76 -19.26
N ASN F 194 8.04 -6.00 -18.98
CA ASN F 194 8.51 -6.89 -20.04
C ASN F 194 7.37 -7.57 -20.77
N MET F 195 6.26 -7.82 -20.07
CA MET F 195 5.09 -8.39 -20.73
C MET F 195 4.50 -7.42 -21.74
N PHE F 196 4.48 -6.12 -21.41
CA PHE F 196 3.95 -5.13 -22.34
C PHE F 196 4.90 -4.94 -23.52
N LEU F 197 6.20 -5.07 -23.29
CA LEU F 197 7.16 -4.91 -24.38
C LEU F 197 7.01 -6.03 -25.41
N THR F 198 6.70 -7.25 -24.95
CA THR F 198 6.47 -8.35 -25.89
C THR F 198 5.23 -8.11 -26.74
N TYR F 199 4.17 -7.58 -26.13
CA TYR F 199 2.96 -7.27 -26.89
C TYR F 199 3.22 -6.19 -27.94
N ILE F 200 4.02 -5.18 -27.59
CA ILE F 200 4.30 -4.09 -28.52
C ILE F 200 5.12 -4.61 -29.70
N LEU F 201 6.17 -5.39 -29.41
CA LEU F 201 7.02 -5.91 -30.47
C LEU F 201 6.25 -6.91 -31.33
N ASN F 202 5.41 -7.74 -30.72
CA ASN F 202 4.62 -8.70 -31.48
C ASN F 202 3.61 -7.98 -32.37
N SER F 203 2.99 -6.92 -31.87
CA SER F 203 2.02 -6.18 -32.66
C SER F 203 2.68 -5.46 -33.83
N MET F 204 3.85 -4.86 -33.59
CA MET F 204 4.52 -4.11 -34.65
C MET F 204 4.99 -5.04 -35.77
N ILE F 205 5.50 -6.21 -35.42
CA ILE F 205 5.97 -7.15 -36.43
C ILE F 205 4.80 -7.67 -37.27
N ILE F 206 3.65 -7.92 -36.63
CA ILE F 206 2.48 -8.37 -37.36
C ILE F 206 1.98 -7.28 -38.30
N ILE F 207 2.03 -6.02 -37.85
CA ILE F 207 1.60 -4.91 -38.70
C ILE F 207 2.50 -4.79 -39.92
N ILE F 208 3.81 -4.87 -39.71
CA ILE F 208 4.75 -4.77 -40.83
C ILE F 208 4.55 -5.95 -41.77
N HIS F 209 4.32 -7.15 -41.23
CA HIS F 209 4.14 -8.34 -42.05
C HIS F 209 2.81 -8.33 -42.80
N LEU F 210 1.81 -7.61 -42.32
CA LEU F 210 0.49 -7.60 -42.94
C LEU F 210 0.28 -6.43 -43.89
N VAL F 211 1.18 -5.44 -43.91
CA VAL F 211 1.04 -4.29 -44.77
C VAL F 211 2.10 -4.22 -45.87
N GLU F 212 3.30 -4.75 -45.61
CA GLU F 212 4.38 -4.69 -46.59
C GLU F 212 4.72 -6.03 -47.23
N VAL F 213 4.18 -7.13 -46.71
CA VAL F 213 4.46 -8.46 -47.24
C VAL F 213 3.21 -9.10 -47.84
N VAL F 214 2.09 -9.07 -47.10
CA VAL F 214 0.86 -9.69 -47.60
C VAL F 214 0.29 -8.93 -48.79
N PRO F 215 0.13 -7.61 -48.78
CA PRO F 215 -0.42 -6.91 -49.96
C PRO F 215 0.53 -6.86 -51.14
N ASN F 216 1.77 -7.33 -51.00
CA ASN F 216 2.72 -7.36 -52.09
C ASN F 216 2.68 -8.73 -52.77
N GLY F 217 2.44 -8.74 -54.07
CA GLY F 217 2.37 -9.98 -54.81
C GLY F 217 3.68 -10.40 -55.45
N GLU F 218 4.32 -9.46 -56.14
CA GLU F 218 5.60 -9.75 -56.78
C GLU F 218 6.70 -10.04 -55.77
N LEU F 219 6.50 -9.66 -54.51
CA LEU F 219 7.52 -9.90 -53.49
C LEU F 219 7.63 -11.40 -53.17
N VAL F 220 6.51 -12.05 -52.91
CA VAL F 220 6.54 -13.46 -52.54
C VAL F 220 6.84 -14.37 -53.73
N ARG F 221 6.67 -13.87 -54.96
CA ARG F 221 6.94 -14.70 -56.13
C ARG F 221 8.43 -14.86 -56.38
N ARG F 222 9.19 -13.95 -55.76
CA ARG F 222 10.68 -13.94 -55.87
C ARG F 222 11.29 -14.60 -54.62
N ASP F 223 10.48 -14.89 -53.60
CA ASP F 223 10.99 -15.61 -52.40
C ASP F 223 12.19 -14.91 -51.75
N PRO F 224 12.11 -13.62 -51.33
CA PRO F 224 13.27 -12.94 -50.77
C PRO F 224 13.66 -13.52 -49.40
N VAL F 225 14.96 -13.64 -49.12
CA VAL F 225 15.43 -14.15 -47.80
C VAL F 225 15.00 -13.17 -46.71
N SER F 226 14.97 -11.88 -47.04
CA SER F 226 14.59 -10.86 -46.04
C SER F 226 13.19 -11.18 -45.54
N CYS F 227 12.32 -11.63 -46.44
CA CYS F 227 10.94 -12.00 -46.05
C CYS F 227 10.98 -13.17 -45.06
N LYS F 228 11.89 -14.12 -45.25
CA LYS F 228 12.03 -15.22 -44.26
C LYS F 228 12.42 -14.63 -42.90
N ILE F 229 13.32 -13.66 -42.87
CA ILE F 229 13.77 -13.16 -41.53
C ILE F 229 12.55 -12.51 -40.86
N LEU F 230 11.75 -11.77 -41.60
CA LEU F 230 10.62 -11.08 -40.94
C LEU F 230 9.70 -12.20 -40.48
N HIS F 231 9.82 -13.37 -41.10
CA HIS F 231 8.97 -14.42 -40.56
C HIS F 231 9.58 -15.06 -39.32
N PHE F 232 10.91 -15.19 -39.30
CA PHE F 232 11.58 -15.75 -38.12
C PHE F 232 11.40 -14.84 -36.91
N PHE F 233 11.48 -13.53 -37.11
CA PHE F 233 11.23 -12.60 -36.01
C PHE F 233 9.78 -12.67 -35.55
N HIS F 234 8.85 -12.92 -36.48
CA HIS F 234 7.46 -13.07 -36.11
C HIS F 234 7.24 -14.32 -35.27
N GLN F 235 7.85 -15.44 -35.67
CA GLN F 235 7.71 -16.68 -34.91
C GLN F 235 8.39 -16.58 -33.55
N TYR F 236 9.54 -15.91 -33.50
CA TYR F 236 10.24 -15.76 -32.22
C TYR F 236 9.46 -14.86 -31.27
N MET F 237 8.94 -13.74 -31.77
CA MET F 237 8.18 -12.84 -30.91
C MET F 237 6.86 -13.48 -30.48
N MET F 238 6.28 -14.31 -31.36
CA MET F 238 5.06 -15.02 -30.99
C MET F 238 5.32 -16.05 -29.91
N ALA F 239 6.41 -16.83 -30.05
CA ALA F 239 6.76 -17.80 -29.03
C ALA F 239 7.21 -17.13 -27.74
N CYS F 240 7.89 -15.98 -27.86
CA CYS F 240 8.29 -15.24 -26.67
C CYS F 240 7.07 -14.70 -25.92
N ASN F 241 6.04 -14.27 -26.66
CA ASN F 241 4.83 -13.78 -26.02
C ASN F 241 4.06 -14.91 -25.35
N TYR F 242 4.04 -16.09 -25.98
CA TYR F 242 3.31 -17.23 -25.44
C TYR F 242 4.06 -17.96 -24.33
N PHE F 243 5.24 -17.47 -23.96
CA PHE F 243 5.97 -17.98 -22.81
C PHE F 243 6.05 -16.99 -21.66
N TRP F 244 5.88 -15.70 -21.92
CA TRP F 244 5.73 -14.73 -20.84
C TRP F 244 4.39 -14.85 -20.15
N MET F 245 3.39 -15.44 -20.80
CA MET F 245 2.14 -15.79 -20.13
C MET F 245 2.38 -16.92 -19.13
N LEU F 246 3.23 -17.88 -19.50
CA LEU F 246 3.63 -18.92 -18.56
C LEU F 246 4.50 -18.35 -17.43
N CYS F 247 5.36 -17.39 -17.77
CA CYS F 247 6.17 -16.74 -16.74
C CYS F 247 5.28 -16.00 -15.75
N GLU F 248 4.27 -15.30 -16.25
CA GLU F 248 3.29 -14.68 -15.35
C GLU F 248 2.48 -15.75 -14.62
N GLY F 249 2.26 -16.90 -15.26
CA GLY F 249 1.53 -17.96 -14.61
C GLY F 249 2.30 -18.60 -13.46
N ILE F 250 3.58 -18.92 -13.70
CA ILE F 250 4.38 -19.56 -12.66
C ILE F 250 4.68 -18.58 -11.53
N TYR F 251 4.85 -17.29 -11.86
CA TYR F 251 5.12 -16.31 -10.82
C TYR F 251 3.90 -16.10 -9.92
N LEU F 252 2.71 -16.04 -10.52
CA LEU F 252 1.49 -15.86 -9.72
C LEU F 252 1.18 -17.11 -8.91
N HIS F 253 1.57 -18.28 -9.43
CA HIS F 253 1.32 -19.52 -8.70
C HIS F 253 2.23 -19.66 -7.48
N THR F 254 3.45 -19.14 -7.56
CA THR F 254 4.38 -19.18 -6.44
C THR F 254 4.15 -18.06 -5.43
N LEU F 255 2.99 -17.39 -5.49
CA LEU F 255 2.64 -16.37 -4.51
C LEU F 255 1.33 -16.68 -3.78
N ILE F 256 0.51 -17.60 -4.28
CA ILE F 256 -0.77 -17.91 -3.66
C ILE F 256 -0.83 -19.33 -3.13
N VAL F 257 -0.08 -20.27 -3.71
CA VAL F 257 -0.15 -21.68 -3.34
C VAL F 257 1.11 -22.11 -2.58
N VAL F 258 2.27 -22.02 -3.24
CA VAL F 258 3.53 -22.46 -2.64
C VAL F 258 4.52 -21.32 -2.68
N ALA F 259 5.50 -21.37 -1.76
CA ALA F 259 6.58 -20.39 -1.68
C ALA F 259 6.02 -18.98 -1.51
N VAL F 260 4.96 -18.85 -0.71
CA VAL F 260 4.35 -17.54 -0.48
C VAL F 260 5.28 -16.66 0.36
N PHE F 261 5.90 -17.23 1.39
CA PHE F 261 6.78 -16.46 2.24
C PHE F 261 8.08 -16.07 1.55
N THR F 262 8.43 -16.74 0.46
CA THR F 262 9.69 -16.49 -0.23
C THR F 262 9.65 -15.12 -0.90
N GLU F 263 10.46 -14.20 -0.41
CA GLU F 263 10.60 -12.87 -0.99
C GLU F 263 11.86 -12.82 -1.85
N LYS F 264 11.87 -11.89 -2.81
CA LYS F 264 12.97 -11.72 -3.74
C LYS F 264 13.22 -13.00 -4.55
N GLN F 265 12.22 -13.35 -5.35
CA GLN F 265 12.35 -14.48 -6.27
C GLN F 265 13.33 -14.14 -7.37
N ARG F 266 14.21 -15.09 -7.70
CA ARG F 266 15.22 -14.85 -8.73
C ARG F 266 14.55 -14.70 -10.09
N LEU F 267 14.76 -13.56 -10.73
CA LEU F 267 14.21 -13.28 -12.04
C LEU F 267 15.03 -13.87 -13.17
N ARG F 268 16.09 -14.64 -12.85
CA ARG F 268 16.90 -15.24 -13.90
C ARG F 268 16.12 -16.30 -14.66
N TRP F 269 15.32 -17.10 -13.95
CA TRP F 269 14.53 -18.14 -14.61
C TRP F 269 13.37 -17.55 -15.39
N TYR F 270 12.76 -16.48 -14.87
CA TYR F 270 11.65 -15.85 -15.59
C TYR F 270 12.12 -15.16 -16.86
N TYR F 271 13.28 -14.51 -16.81
CA TYR F 271 13.83 -13.88 -18.01
C TYR F 271 14.30 -14.93 -19.01
N LEU F 272 14.87 -16.04 -18.51
CA LEU F 272 15.32 -17.09 -19.41
C LEU F 272 14.15 -17.78 -20.09
N LEU F 273 13.09 -18.07 -19.33
CA LEU F 273 11.93 -18.74 -19.91
C LEU F 273 11.16 -17.81 -20.83
N GLY F 274 11.16 -16.50 -20.53
CA GLY F 274 10.43 -15.56 -21.37
C GLY F 274 11.12 -15.27 -22.69
N TRP F 275 12.43 -15.04 -22.65
CA TRP F 275 13.18 -14.66 -23.84
C TRP F 275 14.12 -15.76 -24.33
N GLY F 276 14.93 -16.32 -23.44
CA GLY F 276 15.95 -17.27 -23.88
C GLY F 276 15.37 -18.59 -24.36
N PHE F 277 14.36 -19.11 -23.66
CA PHE F 277 13.82 -20.42 -24.00
C PHE F 277 13.08 -20.42 -25.34
N PRO F 278 12.19 -19.47 -25.65
CA PRO F 278 11.47 -19.55 -26.93
C PRO F 278 12.37 -19.47 -28.15
N LEU F 279 13.64 -19.09 -27.99
CA LEU F 279 14.55 -19.06 -29.13
C LEU F 279 14.86 -20.47 -29.63
N VAL F 280 14.79 -21.47 -28.74
CA VAL F 280 15.14 -22.83 -29.12
C VAL F 280 14.10 -23.45 -30.06
N PRO F 281 12.80 -23.44 -29.76
CA PRO F 281 11.85 -24.04 -30.70
C PRO F 281 11.79 -23.33 -32.04
N THR F 282 12.04 -22.02 -32.05
CA THR F 282 11.97 -21.26 -33.31
C THR F 282 13.16 -21.56 -34.20
N THR F 283 14.34 -21.75 -33.61
CA THR F 283 15.52 -22.04 -34.43
C THR F 283 15.56 -23.50 -34.86
N ILE F 284 14.96 -24.40 -34.09
CA ILE F 284 14.85 -25.79 -34.52
C ILE F 284 13.84 -25.92 -35.66
N HIS F 285 12.73 -25.20 -35.56
CA HIS F 285 11.75 -25.19 -36.64
C HIS F 285 12.31 -24.52 -37.89
N ALA F 286 13.18 -23.52 -37.71
CA ALA F 286 13.75 -22.82 -38.86
C ALA F 286 14.69 -23.73 -39.64
N ILE F 287 15.59 -24.44 -38.95
CA ILE F 287 16.57 -25.28 -39.65
C ILE F 287 15.88 -26.50 -40.24
N THR F 288 14.79 -26.97 -39.64
CA THR F 288 14.07 -28.11 -40.20
C THR F 288 13.21 -27.73 -41.39
N ARG F 289 12.82 -26.44 -41.50
CA ARG F 289 12.02 -25.96 -42.61
C ARG F 289 12.85 -25.62 -43.84
N ALA F 290 14.07 -26.13 -43.93
CA ALA F 290 14.92 -25.90 -45.09
C ALA F 290 15.41 -27.19 -45.73
N VAL F 291 15.06 -28.35 -45.18
CA VAL F 291 15.48 -29.62 -45.72
C VAL F 291 14.27 -30.49 -46.05
N TYR F 292 13.28 -30.51 -45.17
CA TYR F 292 12.12 -31.37 -45.36
C TYR F 292 10.98 -30.66 -46.09
N PHE F 293 10.78 -29.37 -45.83
CA PHE F 293 9.69 -28.63 -46.44
C PHE F 293 10.05 -27.16 -46.48
N ASN F 294 10.07 -26.57 -47.67
CA ASN F 294 10.41 -25.17 -47.83
C ASN F 294 9.55 -24.57 -48.94
N ASP F 295 9.22 -23.29 -48.80
CA ASP F 295 8.41 -22.58 -49.78
C ASP F 295 8.76 -21.10 -49.71
N ASN F 296 7.93 -20.28 -50.35
CA ASN F 296 8.18 -18.84 -50.41
C ASN F 296 7.80 -18.17 -49.10
N CYS F 297 8.73 -17.40 -48.54
CA CYS F 297 8.52 -16.57 -47.35
C CYS F 297 8.16 -17.38 -46.11
N TRP F 298 8.27 -18.70 -46.18
CA TRP F 298 7.92 -19.59 -45.06
C TRP F 298 6.53 -19.26 -44.51
N LEU F 299 5.56 -19.10 -45.40
CA LEU F 299 4.21 -18.71 -44.98
C LEU F 299 3.25 -19.89 -45.16
N SER F 300 3.72 -21.09 -44.87
CA SER F 300 2.93 -22.31 -45.02
C SER F 300 2.37 -22.74 -43.67
N VAL F 301 1.14 -23.24 -43.70
CA VAL F 301 0.45 -23.70 -42.50
C VAL F 301 -0.08 -25.13 -42.66
N GLU F 302 0.28 -25.81 -43.75
CA GLU F 302 -0.14 -27.19 -43.94
C GLU F 302 0.92 -28.21 -43.54
N THR F 303 2.18 -27.80 -43.45
CA THR F 303 3.23 -28.70 -42.99
C THR F 303 3.09 -28.96 -41.50
N HIS F 304 3.40 -30.19 -41.08
CA HIS F 304 3.33 -30.55 -39.67
C HIS F 304 4.56 -30.12 -38.89
N LEU F 305 5.48 -29.39 -39.51
CA LEU F 305 6.65 -28.88 -38.81
C LEU F 305 6.36 -27.63 -37.99
N LEU F 306 5.19 -27.01 -38.18
CA LEU F 306 4.82 -25.87 -37.37
C LEU F 306 4.58 -26.24 -35.91
N TYR F 307 4.32 -27.52 -35.62
CA TYR F 307 4.14 -27.96 -34.25
C TYR F 307 5.44 -27.98 -33.45
N ILE F 308 6.58 -27.68 -34.08
CA ILE F 308 7.83 -27.55 -33.33
C ILE F 308 7.76 -26.36 -32.38
N ILE F 309 7.12 -25.29 -32.82
CA ILE F 309 6.92 -24.12 -31.96
C ILE F 309 5.55 -24.14 -31.30
N HIS F 310 4.49 -24.32 -32.08
CA HIS F 310 3.14 -24.23 -31.55
C HIS F 310 2.80 -25.41 -30.63
N GLY F 311 3.52 -26.54 -30.78
CA GLY F 311 3.31 -27.68 -29.93
C GLY F 311 3.67 -27.42 -28.48
N PRO F 312 4.95 -27.10 -28.23
CA PRO F 312 5.34 -26.73 -26.85
C PRO F 312 4.60 -25.53 -26.32
N VAL F 313 4.17 -24.61 -27.19
CA VAL F 313 3.38 -23.47 -26.74
C VAL F 313 2.06 -23.94 -26.16
N MET F 314 1.40 -24.89 -26.83
CA MET F 314 0.15 -25.42 -26.32
C MET F 314 0.35 -26.15 -24.99
N ALA F 315 1.48 -26.86 -24.85
CA ALA F 315 1.78 -27.53 -23.60
C ALA F 315 2.05 -26.51 -22.49
N ALA F 316 2.67 -25.38 -22.84
CA ALA F 316 2.92 -24.34 -21.85
C ALA F 316 1.62 -23.70 -21.37
N LEU F 317 0.63 -23.59 -22.27
CA LEU F 317 -0.66 -23.02 -21.91
C LEU F 317 -1.57 -24.01 -21.19
N VAL F 318 -1.29 -25.31 -21.29
CA VAL F 318 -2.02 -26.29 -20.49
C VAL F 318 -1.56 -26.22 -19.02
N VAL F 319 -0.27 -26.00 -18.80
CA VAL F 319 0.24 -25.80 -17.45
C VAL F 319 -0.38 -24.56 -16.83
N ASN F 320 -0.54 -23.50 -17.63
CA ASN F 320 -1.22 -22.30 -17.14
C ASN F 320 -2.67 -22.59 -16.78
N PHE F 321 -3.32 -23.49 -17.52
CA PHE F 321 -4.69 -23.86 -17.20
C PHE F 321 -4.76 -24.61 -15.88
N PHE F 322 -3.80 -25.51 -15.63
CA PHE F 322 -3.76 -26.24 -14.37
C PHE F 322 -3.43 -25.29 -13.22
N PHE F 323 -2.56 -24.31 -13.46
CA PHE F 323 -2.26 -23.32 -12.43
C PHE F 323 -3.47 -22.44 -12.15
N LEU F 324 -4.24 -22.12 -13.19
CA LEU F 324 -5.45 -21.32 -12.99
C LEU F 324 -6.47 -22.08 -12.15
N LEU F 325 -6.60 -23.38 -12.36
CA LEU F 325 -7.51 -24.19 -11.55
C LEU F 325 -7.04 -24.26 -10.10
N ASN F 326 -5.73 -24.35 -9.88
CA ASN F 326 -5.21 -24.39 -8.52
C ASN F 326 -5.35 -23.03 -7.84
N ILE F 327 -5.13 -21.95 -8.59
CA ILE F 327 -5.24 -20.61 -8.01
C ILE F 327 -6.69 -20.31 -7.65
N VAL F 328 -7.64 -20.63 -8.54
CA VAL F 328 -9.04 -20.37 -8.24
C VAL F 328 -9.53 -21.29 -7.14
N ARG F 329 -8.91 -22.46 -6.97
CA ARG F 329 -9.27 -23.33 -5.86
C ARG F 329 -8.83 -22.72 -4.53
N VAL F 330 -7.63 -22.16 -4.49
CA VAL F 330 -7.17 -21.48 -3.28
C VAL F 330 -8.01 -20.23 -3.03
N LEU F 331 -8.39 -19.54 -4.10
CA LEU F 331 -9.23 -18.35 -3.95
C LEU F 331 -10.61 -18.70 -3.41
N VAL F 332 -11.15 -19.85 -3.84
CA VAL F 332 -12.47 -20.26 -3.37
C VAL F 332 -12.43 -20.63 -1.90
N THR F 333 -11.44 -21.43 -1.50
CA THR F 333 -11.34 -21.85 -0.11
C THR F 333 -10.97 -20.69 0.81
N LYS F 334 -10.43 -19.60 0.28
CA LYS F 334 -10.18 -18.42 1.09
C LYS F 334 -11.48 -17.73 1.47
N MET F 335 -12.38 -17.55 0.50
CA MET F 335 -13.69 -16.98 0.79
C MET F 335 -14.54 -17.94 1.60
N ARG F 336 -14.26 -19.25 1.52
CA ARG F 336 -14.98 -20.22 2.33
C ARG F 336 -14.60 -20.11 3.80
N GLU F 337 -13.35 -19.73 4.10
CA GLU F 337 -12.92 -19.60 5.48
C GLU F 337 -13.63 -18.45 6.19
N THR F 338 -14.04 -17.43 5.45
CA THR F 338 -14.72 -16.27 6.02
C THR F 338 -16.24 -16.39 5.96
N HIS F 339 -16.76 -17.51 5.45
CA HIS F 339 -18.20 -17.74 5.35
C HIS F 339 -18.89 -16.63 4.56
N GLU F 340 -18.30 -16.28 3.42
CA GLU F 340 -18.85 -15.24 2.56
C GLU F 340 -20.07 -15.76 1.81
N ALA F 341 -20.84 -14.82 1.26
CA ALA F 341 -22.05 -15.17 0.53
C ALA F 341 -21.70 -16.02 -0.69
N GLU F 342 -22.59 -16.98 -1.00
CA GLU F 342 -22.34 -17.86 -2.13
C GLU F 342 -22.41 -17.12 -3.45
N SER F 343 -23.37 -16.20 -3.59
CA SER F 343 -23.49 -15.44 -4.83
C SER F 343 -22.29 -14.54 -5.04
N HIS F 344 -21.83 -13.86 -3.98
CA HIS F 344 -20.66 -12.99 -4.11
C HIS F 344 -19.38 -13.79 -4.30
N MET F 345 -19.31 -15.00 -3.75
CA MET F 345 -18.13 -15.84 -3.96
C MET F 345 -18.01 -16.26 -5.41
N TYR F 346 -19.12 -16.62 -6.04
CA TYR F 346 -19.09 -16.98 -7.46
C TYR F 346 -18.77 -15.78 -8.33
N LEU F 347 -19.23 -14.59 -7.92
CA LEU F 347 -18.94 -13.39 -8.69
C LEU F 347 -17.45 -13.08 -8.68
N LYS F 348 -16.80 -13.18 -7.51
CA LYS F 348 -15.37 -12.94 -7.44
C LYS F 348 -14.58 -14.02 -8.16
N ALA F 349 -15.05 -15.27 -8.09
CA ALA F 349 -14.36 -16.36 -8.77
C ALA F 349 -14.44 -16.20 -10.29
N VAL F 350 -15.58 -15.76 -10.80
CA VAL F 350 -15.72 -15.56 -12.24
C VAL F 350 -14.91 -14.34 -12.67
N LYS F 351 -14.99 -13.25 -11.91
CA LYS F 351 -14.27 -12.03 -12.29
C LYS F 351 -12.76 -12.25 -12.25
N ALA F 352 -12.27 -12.97 -11.25
CA ALA F 352 -10.83 -13.25 -11.19
C ALA F 352 -10.40 -14.15 -12.33
N THR F 353 -11.27 -15.08 -12.74
CA THR F 353 -10.95 -15.94 -13.87
C THR F 353 -10.93 -15.16 -15.18
N MET F 354 -11.87 -14.23 -15.35
CA MET F 354 -11.95 -13.48 -16.61
C MET F 354 -10.81 -12.49 -16.76
N ILE F 355 -10.22 -12.04 -15.65
CA ILE F 355 -9.09 -11.12 -15.73
C ILE F 355 -7.75 -11.84 -15.80
N LEU F 356 -7.73 -13.15 -15.51
CA LEU F 356 -6.51 -13.94 -15.65
C LEU F 356 -6.40 -14.65 -16.99
N VAL F 357 -7.52 -14.77 -17.72
CA VAL F 357 -7.46 -15.41 -19.04
C VAL F 357 -6.58 -14.65 -20.02
N PRO F 358 -6.72 -13.33 -20.19
CA PRO F 358 -5.80 -12.62 -21.11
C PRO F 358 -4.36 -12.63 -20.65
N LEU F 359 -4.11 -12.67 -19.34
CA LEU F 359 -2.74 -12.66 -18.85
C LEU F 359 -2.06 -13.99 -19.08
N LEU F 360 -2.75 -15.10 -18.82
CA LEU F 360 -2.17 -16.43 -18.94
C LEU F 360 -2.46 -17.09 -20.28
N GLY F 361 -3.24 -16.44 -21.15
CA GLY F 361 -3.54 -17.02 -22.45
C GLY F 361 -4.38 -18.28 -22.37
N ILE F 362 -5.43 -18.28 -21.54
CA ILE F 362 -6.26 -19.46 -21.39
C ILE F 362 -7.18 -19.65 -22.59
N GLN F 363 -7.42 -18.60 -23.39
CA GLN F 363 -8.32 -18.72 -24.52
C GLN F 363 -7.80 -19.68 -25.58
N PHE F 364 -6.50 -20.01 -25.56
CA PHE F 364 -5.94 -20.91 -26.56
C PHE F 364 -6.18 -22.37 -26.21
N VAL F 365 -6.25 -22.70 -24.92
CA VAL F 365 -6.42 -24.09 -24.49
C VAL F 365 -7.91 -24.38 -24.33
N VAL F 366 -8.70 -23.34 -24.01
CA VAL F 366 -10.14 -23.50 -23.90
C VAL F 366 -10.80 -23.59 -25.27
N PHE F 367 -10.23 -22.97 -26.29
CA PHE F 367 -10.76 -23.00 -27.65
C PHE F 367 -9.71 -23.53 -28.62
N PRO F 368 -9.41 -24.83 -28.56
CA PRO F 368 -8.50 -25.43 -29.56
C PRO F 368 -9.22 -26.12 -30.72
N TRP F 369 -10.54 -26.13 -30.74
CA TRP F 369 -11.32 -26.84 -31.74
C TRP F 369 -11.72 -25.89 -32.86
N ARG F 370 -11.36 -26.24 -34.10
CA ARG F 370 -11.83 -25.50 -35.26
C ARG F 370 -13.07 -26.21 -35.79
N PRO F 371 -14.27 -25.67 -35.60
CA PRO F 371 -15.49 -26.37 -36.05
C PRO F 371 -15.53 -26.47 -37.56
N SER F 372 -15.74 -27.69 -38.04
CA SER F 372 -15.81 -27.94 -39.48
C SER F 372 -17.08 -27.36 -40.10
N ASN F 373 -18.08 -27.01 -39.30
CA ASN F 373 -19.29 -26.40 -39.83
C ASN F 373 -18.97 -25.03 -40.40
N LYS F 374 -19.63 -24.70 -41.53
CA LYS F 374 -19.36 -23.43 -42.20
C LYS F 374 -19.80 -22.25 -41.34
N MET F 375 -20.98 -22.35 -40.74
CA MET F 375 -21.47 -21.25 -39.90
C MET F 375 -20.67 -21.13 -38.61
N LEU F 376 -20.40 -22.26 -37.96
CA LEU F 376 -19.63 -22.22 -36.72
C LEU F 376 -18.17 -21.85 -36.97
N GLY F 377 -17.65 -22.20 -38.15
CA GLY F 377 -16.29 -21.85 -38.46
C GLY F 377 -16.07 -20.36 -38.57
N LYS F 378 -17.06 -19.65 -39.12
CA LYS F 378 -16.95 -18.19 -39.24
C LYS F 378 -17.02 -17.53 -37.86
N ILE F 379 -17.86 -18.06 -36.96
CA ILE F 379 -17.96 -17.50 -35.62
C ILE F 379 -16.68 -17.75 -34.84
N TYR F 380 -16.07 -18.93 -35.01
CA TYR F 380 -14.83 -19.23 -34.31
C TYR F 380 -13.70 -18.29 -34.74
N ASP F 381 -13.67 -17.92 -36.02
CA ASP F 381 -12.64 -17.02 -36.51
C ASP F 381 -12.85 -15.61 -35.96
N TYR F 382 -14.11 -15.17 -35.86
CA TYR F 382 -14.39 -13.84 -35.33
C TYR F 382 -14.05 -13.75 -33.84
N VAL F 383 -14.32 -14.81 -33.09
CA VAL F 383 -14.11 -14.78 -31.65
C VAL F 383 -12.62 -14.88 -31.33
N MET F 384 -11.92 -15.84 -31.93
CA MET F 384 -10.53 -16.08 -31.58
C MET F 384 -9.63 -14.95 -32.05
N HIS F 385 -9.83 -14.47 -33.29
CA HIS F 385 -9.00 -13.37 -33.79
C HIS F 385 -9.21 -12.11 -32.97
N SER F 386 -10.40 -11.93 -32.41
CA SER F 386 -10.63 -10.80 -31.52
C SER F 386 -9.92 -10.97 -30.19
N LEU F 387 -9.87 -12.21 -29.68
CA LEU F 387 -9.17 -12.45 -28.42
C LEU F 387 -7.66 -12.43 -28.60
N ILE F 388 -7.17 -12.69 -29.80
CA ILE F 388 -5.73 -12.71 -30.05
C ILE F 388 -5.23 -11.30 -30.36
N HIS F 389 -5.86 -10.64 -31.33
CA HIS F 389 -5.38 -9.33 -31.75
C HIS F 389 -5.68 -8.27 -30.69
N PHE F 390 -6.89 -8.28 -30.14
CA PHE F 390 -7.24 -7.34 -29.06
C PHE F 390 -6.89 -7.92 -27.70
N GLN F 391 -5.64 -8.35 -27.53
CA GLN F 391 -5.16 -8.90 -26.27
C GLN F 391 -4.25 -7.96 -25.51
N GLY F 392 -3.36 -7.25 -26.20
CA GLY F 392 -2.53 -6.26 -25.54
C GLY F 392 -3.36 -5.12 -24.96
N PHE F 393 -4.48 -4.80 -25.61
CA PHE F 393 -5.37 -3.78 -25.08
C PHE F 393 -6.06 -4.25 -23.80
N PHE F 394 -6.47 -5.52 -23.76
CA PHE F 394 -7.15 -6.04 -22.59
C PHE F 394 -6.20 -6.13 -21.39
N VAL F 395 -4.96 -6.58 -21.62
CA VAL F 395 -4.00 -6.67 -20.52
C VAL F 395 -3.63 -5.28 -20.02
N ALA F 396 -3.53 -4.30 -20.92
CA ALA F 396 -3.18 -2.95 -20.51
C ALA F 396 -4.31 -2.32 -19.70
N THR F 397 -5.57 -2.55 -20.09
CA THR F 397 -6.70 -1.94 -19.39
C THR F 397 -6.85 -2.50 -17.99
N ILE F 398 -6.69 -3.82 -17.84
CA ILE F 398 -6.95 -4.46 -16.55
C ILE F 398 -5.81 -4.21 -15.58
N TYR F 399 -4.56 -4.36 -16.04
CA TYR F 399 -3.41 -4.35 -15.14
C TYR F 399 -2.72 -3.00 -15.04
N CYS F 400 -3.06 -2.04 -15.89
CA CYS F 400 -2.50 -0.69 -15.80
C CYS F 400 -3.55 0.37 -15.58
N PHE F 401 -4.65 0.34 -16.33
CA PHE F 401 -5.69 1.36 -16.17
C PHE F 401 -6.63 1.04 -15.01
N CYS F 402 -7.05 -0.23 -14.90
CA CYS F 402 -7.94 -0.63 -13.82
C CYS F 402 -7.22 -0.82 -12.49
N ASN F 403 -5.88 -0.75 -12.48
CA ASN F 403 -5.13 -0.92 -11.24
C ASN F 403 -5.39 0.27 -10.32
N ASN F 404 -5.59 -0.04 -9.02
CA ASN F 404 -5.88 1.02 -8.07
C ASN F 404 -4.65 1.84 -7.74
N GLU F 405 -3.48 1.19 -7.65
CA GLU F 405 -2.25 1.91 -7.32
C GLU F 405 -1.84 2.87 -8.44
N VAL F 406 -2.04 2.46 -9.69
CA VAL F 406 -1.67 3.31 -10.81
C VAL F 406 -2.59 4.53 -10.89
N GLN F 407 -3.88 4.32 -10.63
CA GLN F 407 -4.83 5.44 -10.70
C GLN F 407 -4.53 6.47 -9.62
N THR F 408 -4.25 6.03 -8.39
CA THR F 408 -3.93 6.96 -7.32
C THR F 408 -2.62 7.68 -7.58
N THR F 409 -1.66 7.00 -8.21
CA THR F 409 -0.37 7.63 -8.51
C THR F 409 -0.53 8.71 -9.57
N VAL F 410 -1.29 8.44 -10.62
CA VAL F 410 -1.50 9.44 -11.68
C VAL F 410 -2.31 10.62 -11.15
N LYS F 411 -3.34 10.35 -10.36
CA LYS F 411 -4.16 11.42 -9.82
C LYS F 411 -3.35 12.32 -8.87
N ARG F 412 -2.47 11.72 -8.08
CA ARG F 412 -1.67 12.52 -7.15
C ARG F 412 -0.64 13.36 -7.88
N GLN F 413 0.03 12.79 -8.89
CA GLN F 413 1.06 13.53 -9.61
C GLN F 413 0.47 14.59 -10.54
N TRP F 414 -0.81 14.46 -10.90
CA TRP F 414 -1.44 15.44 -11.77
C TRP F 414 -2.13 16.56 -10.99
N ALA F 415 -2.66 16.26 -9.80
CA ALA F 415 -3.34 17.28 -9.01
C ALA F 415 -2.39 18.33 -8.45
N GLN F 416 -1.09 18.01 -8.36
CA GLN F 416 -0.11 18.95 -7.83
C GLN F 416 0.45 19.86 -8.92
N PHE F 417 -0.44 20.51 -9.66
CA PHE F 417 -0.04 21.43 -10.72
C PHE F 417 -0.58 22.83 -10.45
#